data_1LT4
#
_entry.id   1LT4
#
_cell.length_a   120.000
_cell.length_b   101.900
_cell.length_c   64.400
_cell.angle_alpha   90.00
_cell.angle_beta   90.00
_cell.angle_gamma   90.00
#
_symmetry.space_group_name_H-M   'P 21 21 21'
#
loop_
_entity.id
_entity.type
_entity.pdbx_description
1 polymer 'HEAT-LABILE ENTEROTOXIN'
2 polymer 'HEAT-LABILE ENTEROTOXIN'
3 branched beta-D-galactopyranose-(1-4)-beta-D-glucopyranose
4 water water
#
loop_
_entity_poly.entity_id
_entity_poly.type
_entity_poly.pdbx_seq_one_letter_code
_entity_poly.pdbx_strand_id
1 'polypeptide(L)'
;APQTITELCSEYRNTQIYTINDKILSYTESMAGKREMVIITFKSGETFQVEVPGSQHIDSQKKAIERMKDTLRITYLTET
KIDKLCVWNNKTPNSIAAISMKN
;
D,E,F,G,H
2 'polypeptide(L)'
;NGDRLYRADSRPPDEIKRSGGLMPRGHNEYFDRGTQMNINLYDHARGTQTGFVRYDDGYVSTKLSLRSAHLAGQSILSGY
STYYIYVIATAPNMFNVNDVLGVYSPHPYEQEVSALGGIPYSQIYGWYRVNFGVIDERLHRNREYRDRYYRNLNIAPAED
GYRLAGFPPDHQAWREEPWIHHAPQGCGNSSNSSRTITRTITGDTCNEETQNLSTIYLREYQSKVKRQIFSDYQSEVDIY
NRIRDEL
;
A
#
# COMPACT_ATOMS: atom_id res chain seq x y z
N ALA A 1 -27.77 2.92 13.89
CA ALA A 1 -27.25 3.64 12.68
C ALA A 1 -27.64 2.97 11.35
N PRO A 2 -27.52 3.69 10.22
CA PRO A 2 -27.85 3.10 8.91
C PRO A 2 -26.98 1.89 8.62
N GLN A 3 -27.39 1.07 7.68
CA GLN A 3 -26.62 -0.12 7.36
C GLN A 3 -26.08 -0.17 5.94
N THR A 4 -26.51 0.77 5.10
CA THR A 4 -26.06 0.84 3.72
C THR A 4 -25.90 2.32 3.37
N ILE A 5 -25.26 2.59 2.25
CA ILE A 5 -25.05 3.97 1.79
C ILE A 5 -26.38 4.59 1.34
N THR A 6 -27.26 3.78 0.77
CA THR A 6 -28.55 4.27 0.30
C THR A 6 -29.37 4.75 1.48
N GLU A 7 -29.40 3.93 2.52
CA GLU A 7 -30.14 4.26 3.73
C GLU A 7 -29.57 5.49 4.41
N LEU A 8 -28.25 5.58 4.48
CA LEU A 8 -27.61 6.73 5.08
C LEU A 8 -27.88 7.99 4.24
N CYS A 9 -27.80 7.85 2.91
CA CYS A 9 -28.02 8.98 2.01
C CYS A 9 -29.39 9.62 2.19
N SER A 10 -30.40 8.77 2.42
CA SER A 10 -31.77 9.20 2.60
C SER A 10 -32.08 10.11 3.78
N GLU A 11 -31.18 10.20 4.75
CA GLU A 11 -31.47 11.05 5.91
C GLU A 11 -31.19 12.51 5.67
N TYR A 12 -30.61 12.85 4.53
CA TYR A 12 -30.27 14.24 4.28
C TYR A 12 -31.05 14.82 3.14
N ARG A 13 -31.25 16.14 3.16
CA ARG A 13 -31.98 16.80 2.09
C ARG A 13 -30.94 17.14 1.02
N ASN A 14 -31.38 17.28 -0.22
CA ASN A 14 -30.51 17.65 -1.34
C ASN A 14 -29.48 16.61 -1.76
N THR A 15 -29.72 15.35 -1.42
CA THR A 15 -28.78 14.29 -1.80
C THR A 15 -29.36 13.41 -2.88
N GLN A 16 -28.52 12.56 -3.43
CA GLN A 16 -28.94 11.67 -4.51
C GLN A 16 -27.85 10.63 -4.56
N ILE A 17 -28.18 9.42 -4.97
CA ILE A 17 -27.22 8.34 -5.09
C ILE A 17 -26.86 8.16 -6.56
N TYR A 18 -25.58 7.97 -6.84
CA TYR A 18 -25.12 7.72 -8.19
C TYR A 18 -24.50 6.35 -8.18
N THR A 19 -24.82 5.52 -9.15
CA THR A 19 -24.20 4.21 -9.18
C THR A 19 -23.11 4.41 -10.21
N ILE A 20 -21.85 4.38 -9.78
CA ILE A 20 -20.72 4.58 -10.68
C ILE A 20 -20.17 3.29 -11.23
N ASN A 21 -19.87 2.37 -10.32
CA ASN A 21 -19.33 1.07 -10.66
C ASN A 21 -18.17 1.19 -11.65
N ASP A 22 -17.22 2.06 -11.34
CA ASP A 22 -16.08 2.27 -12.21
C ASP A 22 -14.97 2.94 -11.42
N LYS A 23 -13.76 2.94 -11.97
CA LYS A 23 -12.62 3.58 -11.32
C LYS A 23 -12.53 5.06 -11.68
N ILE A 24 -11.80 5.84 -10.91
CA ILE A 24 -11.65 7.27 -11.16
C ILE A 24 -10.78 7.53 -12.39
N LEU A 25 -11.22 8.44 -13.25
CA LEU A 25 -10.47 8.78 -14.45
C LEU A 25 -9.35 9.78 -14.14
N SER A 26 -9.68 10.86 -13.46
CA SER A 26 -8.69 11.85 -13.13
C SER A 26 -8.84 12.34 -11.70
N TYR A 27 -7.72 12.80 -11.14
CA TYR A 27 -7.66 13.30 -9.77
C TYR A 27 -6.93 14.65 -9.79
N THR A 28 -7.57 15.65 -9.21
CA THR A 28 -7.05 16.99 -9.14
C THR A 28 -7.05 17.43 -7.68
N GLU A 29 -5.91 17.93 -7.22
CA GLU A 29 -5.75 18.34 -5.83
C GLU A 29 -5.23 19.76 -5.85
N SER A 30 -5.75 20.59 -4.98
CA SER A 30 -5.35 21.97 -5.01
C SER A 30 -5.10 22.56 -3.66
N MET A 31 -3.98 23.28 -3.54
CA MET A 31 -3.65 23.96 -2.28
C MET A 31 -3.74 25.48 -2.44
N ALA A 32 -4.35 25.94 -3.53
CA ALA A 32 -4.51 27.37 -3.78
C ALA A 32 -5.50 27.96 -2.76
N GLY A 33 -5.20 29.17 -2.26
CA GLY A 33 -6.04 29.82 -1.26
C GLY A 33 -7.52 29.88 -1.59
N LYS A 34 -8.35 29.39 -0.67
CA LYS A 34 -9.81 29.34 -0.81
C LYS A 34 -10.31 28.30 -1.80
N ARG A 35 -9.40 27.49 -2.33
CA ARG A 35 -9.74 26.41 -3.27
C ARG A 35 -8.98 25.15 -2.83
N GLU A 36 -8.87 24.94 -1.52
CA GLU A 36 -8.20 23.77 -0.96
C GLU A 36 -9.23 22.64 -1.06
N MET A 37 -9.23 21.92 -2.19
CA MET A 37 -10.22 20.90 -2.45
C MET A 37 -9.68 19.82 -3.37
N VAL A 38 -10.50 18.79 -3.61
CA VAL A 38 -10.17 17.69 -4.51
C VAL A 38 -11.32 17.54 -5.53
N ILE A 39 -11.01 17.23 -6.78
CA ILE A 39 -12.01 17.07 -7.82
C ILE A 39 -11.71 15.76 -8.50
N ILE A 40 -12.72 14.92 -8.70
CA ILE A 40 -12.51 13.65 -9.41
C ILE A 40 -13.51 13.58 -10.57
N THR A 41 -13.14 12.87 -11.62
CA THR A 41 -14.00 12.69 -12.77
C THR A 41 -13.98 11.22 -13.16
N PHE A 42 -15.00 10.82 -13.92
CA PHE A 42 -15.15 9.44 -14.41
C PHE A 42 -15.29 9.50 -15.93
N LYS A 43 -15.00 8.41 -16.64
CA LYS A 43 -15.12 8.43 -18.09
C LYS A 43 -16.55 8.70 -18.58
N SER A 44 -17.52 8.55 -17.69
CA SER A 44 -18.93 8.79 -18.01
C SER A 44 -19.20 10.29 -18.14
N GLY A 45 -18.27 11.10 -17.65
CA GLY A 45 -18.41 12.54 -17.74
C GLY A 45 -18.67 13.22 -16.42
N GLU A 46 -19.12 12.45 -15.44
CA GLU A 46 -19.42 12.95 -14.10
C GLU A 46 -18.19 13.55 -13.45
N THR A 47 -18.39 14.62 -12.69
CA THR A 47 -17.33 15.32 -12.01
C THR A 47 -17.87 15.60 -10.62
N PHE A 48 -17.11 15.28 -9.58
CA PHE A 48 -17.53 15.52 -8.19
C PHE A 48 -16.40 16.19 -7.40
N GLN A 49 -16.75 16.84 -6.32
CA GLN A 49 -15.75 17.53 -5.53
C GLN A 49 -15.89 17.21 -4.06
N VAL A 50 -14.81 17.42 -3.30
CA VAL A 50 -14.86 17.33 -1.86
C VAL A 50 -14.73 18.85 -1.63
N GLU A 51 -15.71 19.42 -0.97
CA GLU A 51 -15.76 20.85 -0.76
C GLU A 51 -14.71 21.39 0.16
N VAL A 52 -14.41 22.66 -0.05
CA VAL A 52 -13.47 23.40 0.79
C VAL A 52 -14.21 23.50 2.13
N PRO A 53 -13.53 23.28 3.26
CA PRO A 53 -14.23 23.38 4.55
C PRO A 53 -14.81 24.77 4.77
N GLY A 54 -16.00 24.84 5.32
CA GLY A 54 -16.63 26.13 5.53
C GLY A 54 -17.67 26.09 6.62
N SER A 55 -18.54 27.09 6.60
CA SER A 55 -19.61 27.22 7.59
C SER A 55 -20.71 26.15 7.54
N GLN A 56 -20.88 25.53 6.38
CA GLN A 56 -21.87 24.48 6.19
C GLN A 56 -21.42 23.20 6.90
N HIS A 57 -20.18 23.21 7.40
CA HIS A 57 -19.61 22.05 8.09
C HIS A 57 -19.56 22.19 9.60
N ILE A 58 -19.99 21.15 10.29
CA ILE A 58 -19.93 21.14 11.74
C ILE A 58 -18.50 20.68 12.06
N ASP A 59 -18.04 20.90 13.29
CA ASP A 59 -16.67 20.53 13.66
C ASP A 59 -16.32 19.06 13.43
N SER A 60 -17.25 18.14 13.69
CA SER A 60 -16.98 16.73 13.50
C SER A 60 -16.72 16.32 12.08
N GLN A 61 -17.19 17.11 11.11
CA GLN A 61 -16.95 16.79 9.70
C GLN A 61 -15.55 17.18 9.24
N LYS A 62 -14.87 18.08 9.96
CA LYS A 62 -13.54 18.52 9.56
C LYS A 62 -12.58 17.38 9.44
N LYS A 63 -12.52 16.54 10.47
CA LYS A 63 -11.64 15.39 10.41
C LYS A 63 -12.07 14.43 9.28
N ALA A 64 -13.37 14.32 9.03
CA ALA A 64 -13.92 13.43 7.97
C ALA A 64 -13.63 13.95 6.57
N ILE A 65 -13.59 15.27 6.41
CA ILE A 65 -13.27 15.85 5.10
C ILE A 65 -11.84 15.41 4.74
N GLU A 66 -10.94 15.47 5.71
CA GLU A 66 -9.55 15.06 5.49
C GLU A 66 -9.46 13.57 5.16
N ARG A 67 -10.20 12.73 5.87
CA ARG A 67 -10.21 11.29 5.60
C ARG A 67 -10.70 10.97 4.20
N MET A 68 -11.77 11.64 3.78
CA MET A 68 -12.34 11.44 2.45
C MET A 68 -11.30 11.76 1.36
N LYS A 69 -10.55 12.84 1.53
CA LYS A 69 -9.53 13.18 0.53
C LYS A 69 -8.42 12.11 0.49
N ASP A 70 -8.11 11.55 1.66
CA ASP A 70 -7.10 10.47 1.77
C ASP A 70 -7.63 9.27 0.99
N THR A 71 -8.90 8.93 1.24
CA THR A 71 -9.51 7.78 0.56
C THR A 71 -9.58 7.89 -0.96
N LEU A 72 -9.93 9.07 -1.46
CA LEU A 72 -10.02 9.28 -2.92
C LEU A 72 -8.67 9.18 -3.60
N ARG A 73 -7.61 9.68 -2.96
CA ARG A 73 -6.28 9.62 -3.55
C ARG A 73 -5.83 8.17 -3.68
N ILE A 74 -5.94 7.40 -2.59
CA ILE A 74 -5.52 5.99 -2.66
C ILE A 74 -6.42 5.16 -3.56
N THR A 75 -7.71 5.52 -3.60
CA THR A 75 -8.65 4.81 -4.48
C THR A 75 -8.29 5.09 -5.93
N TYR A 76 -7.87 6.33 -6.23
CA TYR A 76 -7.47 6.67 -7.60
C TYR A 76 -6.18 5.97 -7.96
N LEU A 77 -5.18 6.06 -7.09
CA LEU A 77 -3.89 5.42 -7.39
C LEU A 77 -3.95 3.90 -7.54
N THR A 78 -4.83 3.23 -6.80
CA THR A 78 -4.95 1.78 -6.91
C THR A 78 -5.93 1.30 -7.97
N GLU A 79 -6.61 2.24 -8.64
CA GLU A 79 -7.58 1.91 -9.67
C GLU A 79 -8.71 1.03 -9.16
N THR A 80 -9.10 1.31 -7.92
CA THR A 80 -10.16 0.59 -7.23
C THR A 80 -11.52 1.09 -7.69
N LYS A 81 -12.42 0.15 -8.00
CA LYS A 81 -13.77 0.49 -8.47
C LYS A 81 -14.66 1.06 -7.39
N ILE A 82 -15.32 2.17 -7.68
CA ILE A 82 -16.25 2.76 -6.74
C ILE A 82 -17.63 2.25 -7.12
N ASP A 83 -18.39 1.82 -6.12
CA ASP A 83 -19.72 1.31 -6.34
C ASP A 83 -20.72 2.46 -6.43
N LYS A 84 -20.96 3.12 -5.32
CA LYS A 84 -21.90 4.23 -5.27
C LYS A 84 -21.32 5.45 -4.59
N LEU A 85 -21.96 6.59 -4.82
CA LEU A 85 -21.59 7.87 -4.24
C LEU A 85 -22.88 8.54 -3.83
N CYS A 86 -22.92 9.05 -2.60
CA CYS A 86 -24.07 9.80 -2.13
C CYS A 86 -23.54 11.22 -2.26
N VAL A 87 -24.23 12.08 -3.02
CA VAL A 87 -23.79 13.46 -3.22
C VAL A 87 -24.85 14.50 -2.98
N TRP A 88 -24.44 15.69 -2.56
CA TRP A 88 -25.36 16.79 -2.37
C TRP A 88 -25.43 17.40 -3.77
N ASN A 89 -26.63 17.54 -4.31
CA ASN A 89 -26.79 18.11 -5.65
C ASN A 89 -27.10 19.61 -5.71
N ASN A 90 -26.90 20.32 -4.62
CA ASN A 90 -27.15 21.74 -4.63
C ASN A 90 -25.78 22.44 -4.69
N LYS A 91 -24.83 21.77 -5.31
CA LYS A 91 -23.46 22.24 -5.47
C LYS A 91 -23.00 21.81 -6.82
N THR A 92 -22.16 22.64 -7.47
CA THR A 92 -21.60 22.33 -8.79
C THR A 92 -20.07 22.49 -8.72
N PRO A 93 -19.30 21.40 -8.92
CA PRO A 93 -19.73 20.03 -9.20
C PRO A 93 -20.45 19.46 -7.95
N ASN A 94 -21.19 18.38 -8.10
CA ASN A 94 -21.89 17.80 -6.95
C ASN A 94 -20.87 17.44 -5.87
N SER A 95 -21.25 17.64 -4.62
CA SER A 95 -20.40 17.42 -3.46
C SER A 95 -20.52 16.01 -2.84
N ILE A 96 -19.40 15.31 -2.64
CA ILE A 96 -19.40 13.97 -2.06
C ILE A 96 -19.73 13.92 -0.56
N ALA A 97 -20.73 13.10 -0.19
CA ALA A 97 -21.13 12.93 1.22
C ALA A 97 -20.70 11.54 1.73
N ALA A 98 -20.73 10.54 0.85
CA ALA A 98 -20.37 9.18 1.21
C ALA A 98 -19.97 8.45 -0.03
N ILE A 99 -19.23 7.37 0.15
CA ILE A 99 -18.76 6.58 -0.96
C ILE A 99 -18.79 5.11 -0.51
N SER A 100 -18.97 4.19 -1.44
CA SER A 100 -18.96 2.78 -1.12
C SER A 100 -18.26 2.03 -2.24
N MET A 101 -17.61 0.93 -1.89
CA MET A 101 -16.88 0.10 -2.83
C MET A 101 -17.18 -1.33 -2.47
N LYS A 102 -17.20 -2.22 -3.46
CA LYS A 102 -17.43 -3.62 -3.17
C LYS A 102 -16.57 -4.51 -4.06
N ASN A 103 -16.12 -5.62 -3.49
CA ASN A 103 -15.29 -6.57 -4.20
C ASN A 103 -16.11 -7.83 -4.49
N ALA B 1 -1.47 -6.72 30.68
CA ALA B 1 -2.41 -6.54 29.53
C ALA B 1 -2.82 -7.87 28.90
N PRO B 2 -3.93 -7.88 28.16
CA PRO B 2 -4.45 -9.08 27.48
C PRO B 2 -3.43 -9.54 26.46
N GLN B 3 -3.47 -10.80 26.08
CA GLN B 3 -2.52 -11.31 25.12
C GLN B 3 -3.19 -11.69 23.81
N THR B 4 -4.52 -11.75 23.79
CA THR B 4 -5.27 -12.14 22.60
C THR B 4 -6.53 -11.29 22.52
N ILE B 5 -7.19 -11.28 21.36
CA ILE B 5 -8.41 -10.49 21.18
C ILE B 5 -9.56 -11.03 22.02
N THR B 6 -9.58 -12.36 22.23
CA THR B 6 -10.61 -13.02 23.04
C THR B 6 -10.51 -12.59 24.52
N GLU B 7 -9.29 -12.60 25.03
CA GLU B 7 -9.00 -12.20 26.40
C GLU B 7 -9.39 -10.74 26.63
N LEU B 8 -9.02 -9.88 25.68
CA LEU B 8 -9.35 -8.45 25.75
C LEU B 8 -10.86 -8.24 25.62
N CYS B 9 -11.52 -8.99 24.74
CA CYS B 9 -12.96 -8.86 24.52
C CYS B 9 -13.78 -9.14 25.77
N SER B 10 -13.37 -10.19 26.50
CA SER B 10 -14.05 -10.61 27.72
C SER B 10 -13.92 -9.63 28.88
N GLU B 11 -13.11 -8.59 28.73
CA GLU B 11 -12.97 -7.62 29.81
C GLU B 11 -14.06 -6.57 29.76
N TYR B 12 -14.90 -6.64 28.72
CA TYR B 12 -15.97 -5.65 28.55
C TYR B 12 -17.37 -6.23 28.57
N ARG B 13 -18.34 -5.39 28.95
CA ARG B 13 -19.73 -5.81 28.98
C ARG B 13 -20.39 -5.59 27.63
N ASN B 14 -21.28 -6.50 27.25
CA ASN B 14 -22.01 -6.38 26.00
C ASN B 14 -21.14 -6.55 24.77
N THR B 15 -20.16 -7.45 24.85
CA THR B 15 -19.29 -7.68 23.72
C THR B 15 -19.41 -9.15 23.34
N GLN B 16 -18.83 -9.52 22.21
CA GLN B 16 -18.82 -10.92 21.79
C GLN B 16 -17.86 -11.09 20.62
N ILE B 17 -17.33 -12.30 20.49
CA ILE B 17 -16.38 -12.61 19.43
C ILE B 17 -17.06 -13.22 18.23
N TYR B 18 -16.70 -12.76 17.05
CA TYR B 18 -17.21 -13.30 15.81
C TYR B 18 -16.00 -13.79 15.07
N THR B 19 -16.06 -15.02 14.59
CA THR B 19 -14.96 -15.57 13.83
C THR B 19 -15.38 -15.42 12.38
N ILE B 20 -14.70 -14.51 11.67
CA ILE B 20 -15.00 -14.21 10.29
C ILE B 20 -14.13 -15.00 9.33
N ASN B 21 -12.81 -14.86 9.49
CA ASN B 21 -11.85 -15.52 8.63
C ASN B 21 -12.20 -15.28 7.16
N ASP B 22 -12.37 -14.02 6.78
CA ASP B 22 -12.74 -13.68 5.41
C ASP B 22 -12.41 -12.21 5.13
N LYS B 23 -12.24 -11.87 3.86
CA LYS B 23 -11.91 -10.49 3.51
C LYS B 23 -13.21 -9.66 3.58
N ILE B 24 -13.07 -8.35 3.68
CA ILE B 24 -14.20 -7.45 3.75
C ILE B 24 -14.86 -7.40 2.36
N LEU B 25 -16.18 -7.59 2.29
CA LEU B 25 -16.90 -7.57 1.02
C LEU B 25 -17.15 -6.13 0.52
N SER B 26 -17.70 -5.26 1.36
CA SER B 26 -17.94 -3.88 0.97
C SER B 26 -17.44 -2.90 2.03
N TYR B 27 -17.06 -1.71 1.60
CA TYR B 27 -16.53 -0.69 2.49
C TYR B 27 -17.32 0.57 2.23
N THR B 28 -17.87 1.19 3.27
CA THR B 28 -18.66 2.41 3.11
C THR B 28 -18.13 3.47 4.05
N GLU B 29 -17.84 4.65 3.51
CA GLU B 29 -17.29 5.74 4.30
C GLU B 29 -18.16 7.00 4.11
N SER B 30 -18.51 7.65 5.21
CA SER B 30 -19.36 8.84 5.17
C SER B 30 -18.77 10.03 5.93
N MET B 31 -18.85 11.21 5.31
CA MET B 31 -18.39 12.44 5.95
C MET B 31 -19.57 13.36 6.26
N ALA B 32 -20.79 12.82 6.11
CA ALA B 32 -22.01 13.59 6.36
C ALA B 32 -22.12 13.92 7.84
N GLY B 33 -22.64 15.11 8.15
CA GLY B 33 -22.77 15.56 9.53
C GLY B 33 -23.54 14.65 10.44
N LYS B 34 -22.95 14.33 11.59
CA LYS B 34 -23.50 13.43 12.61
C LYS B 34 -23.43 11.95 12.19
N ARG B 35 -22.88 11.69 11.01
CA ARG B 35 -22.76 10.31 10.51
C ARG B 35 -21.37 10.09 9.93
N GLU B 36 -20.34 10.60 10.59
CA GLU B 36 -18.97 10.45 10.13
C GLU B 36 -18.57 9.07 10.62
N MET B 37 -18.74 8.06 9.78
CA MET B 37 -18.50 6.68 10.19
C MET B 37 -18.14 5.80 9.01
N VAL B 38 -17.80 4.55 9.31
CA VAL B 38 -17.47 3.58 8.29
C VAL B 38 -18.35 2.35 8.58
N ILE B 39 -18.79 1.66 7.53
CA ILE B 39 -19.60 0.47 7.67
C ILE B 39 -18.98 -0.57 6.75
N ILE B 40 -18.82 -1.79 7.26
CA ILE B 40 -18.27 -2.88 6.45
C ILE B 40 -19.22 -4.07 6.52
N THR B 41 -19.20 -4.89 5.49
CA THR B 41 -20.03 -6.07 5.48
C THR B 41 -19.22 -7.25 4.96
N PHE B 42 -19.67 -8.46 5.28
CA PHE B 42 -18.99 -9.64 4.82
C PHE B 42 -19.96 -10.42 4.00
N LYS B 43 -19.44 -11.33 3.21
CA LYS B 43 -20.20 -12.20 2.33
C LYS B 43 -21.21 -12.99 3.16
N SER B 44 -20.83 -13.30 4.39
CA SER B 44 -21.68 -14.03 5.31
C SER B 44 -23.03 -13.32 5.54
N GLY B 45 -23.04 -12.01 5.35
CA GLY B 45 -24.26 -11.24 5.56
C GLY B 45 -24.17 -10.32 6.76
N GLU B 46 -23.05 -10.41 7.49
CA GLU B 46 -22.84 -9.58 8.68
C GLU B 46 -22.38 -8.14 8.37
N THR B 47 -22.96 -7.16 9.08
CA THR B 47 -22.63 -5.76 8.88
C THR B 47 -22.12 -5.18 10.18
N PHE B 48 -21.02 -4.43 10.12
CA PHE B 48 -20.44 -3.81 11.32
C PHE B 48 -20.12 -2.36 11.06
N GLN B 49 -20.10 -1.56 12.11
CA GLN B 49 -19.78 -0.16 11.98
C GLN B 49 -18.67 0.24 12.95
N VAL B 50 -18.05 1.39 12.69
CA VAL B 50 -17.10 1.98 13.61
C VAL B 50 -17.99 3.18 13.91
N GLU B 51 -18.41 3.30 15.17
CA GLU B 51 -19.32 4.34 15.55
C GLU B 51 -18.88 5.77 15.39
N VAL B 52 -19.87 6.64 15.26
CA VAL B 52 -19.62 8.07 15.19
C VAL B 52 -19.12 8.39 16.60
N PRO B 53 -18.03 9.17 16.74
CA PRO B 53 -17.54 9.51 18.09
C PRO B 53 -18.61 10.20 18.95
N GLY B 54 -18.70 9.82 20.22
CA GLY B 54 -19.71 10.42 21.08
C GLY B 54 -19.29 10.45 22.53
N SER B 55 -20.26 10.54 23.43
CA SER B 55 -20.01 10.59 24.87
C SER B 55 -19.67 9.23 25.47
N GLN B 56 -20.00 8.15 24.78
CA GLN B 56 -19.71 6.80 25.26
C GLN B 56 -18.24 6.47 25.01
N HIS B 57 -17.55 7.39 24.35
CA HIS B 57 -16.15 7.22 24.03
C HIS B 57 -15.33 8.13 24.91
N ILE B 58 -14.35 7.55 25.60
CA ILE B 58 -13.48 8.34 26.44
C ILE B 58 -12.42 8.99 25.56
N ASP B 59 -11.85 10.06 26.08
CA ASP B 59 -10.85 10.84 25.34
C ASP B 59 -9.77 10.02 24.63
N SER B 60 -9.22 9.02 25.31
CA SER B 60 -8.16 8.20 24.74
C SER B 60 -8.63 7.35 23.56
N GLN B 61 -9.93 7.18 23.43
CA GLN B 61 -10.47 6.42 22.33
C GLN B 61 -10.52 7.20 21.03
N LYS B 62 -10.52 8.53 21.10
CA LYS B 62 -10.60 9.37 19.88
C LYS B 62 -9.50 9.04 18.87
N LYS B 63 -8.26 8.93 19.34
CA LYS B 63 -7.18 8.60 18.42
C LYS B 63 -7.29 7.16 17.92
N ALA B 64 -7.87 6.27 18.72
CA ALA B 64 -8.02 4.86 18.32
C ALA B 64 -9.13 4.65 17.28
N ILE B 65 -10.20 5.43 17.35
CA ILE B 65 -11.30 5.36 16.38
C ILE B 65 -10.76 5.70 14.98
N GLU B 66 -9.94 6.75 14.90
CA GLU B 66 -9.32 7.18 13.64
C GLU B 66 -8.41 6.12 13.08
N ARG B 67 -7.57 5.54 13.93
CA ARG B 67 -6.65 4.50 13.47
C ARG B 67 -7.40 3.29 12.93
N MET B 68 -8.46 2.88 13.63
CA MET B 68 -9.26 1.72 13.21
C MET B 68 -9.79 1.95 11.81
N LYS B 69 -10.27 3.17 11.56
CA LYS B 69 -10.80 3.51 10.25
C LYS B 69 -9.73 3.42 9.15
N ASP B 70 -8.50 3.84 9.46
CA ASP B 70 -7.40 3.76 8.49
C ASP B 70 -7.10 2.28 8.27
N THR B 71 -7.10 1.50 9.33
CA THR B 71 -6.83 0.06 9.20
C THR B 71 -7.86 -0.66 8.33
N LEU B 72 -9.14 -0.41 8.57
CA LEU B 72 -10.17 -1.05 7.77
C LEU B 72 -10.08 -0.69 6.29
N ARG B 73 -9.72 0.55 5.96
CA ARG B 73 -9.61 0.95 4.56
C ARG B 73 -8.52 0.18 3.82
N ILE B 74 -7.32 0.09 4.40
CA ILE B 74 -6.21 -0.62 3.77
C ILE B 74 -6.44 -2.14 3.75
N THR B 75 -7.11 -2.67 4.78
CA THR B 75 -7.42 -4.10 4.82
C THR B 75 -8.41 -4.39 3.67
N TYR B 76 -9.40 -3.52 3.49
CA TYR B 76 -10.36 -3.68 2.40
C TYR B 76 -9.67 -3.65 1.04
N LEU B 77 -8.84 -2.63 0.82
CA LEU B 77 -8.14 -2.47 -0.47
C LEU B 77 -7.21 -3.60 -0.79
N THR B 78 -6.58 -4.19 0.20
CA THR B 78 -5.67 -5.28 -0.09
C THR B 78 -6.29 -6.67 -0.08
N GLU B 79 -7.58 -6.75 0.29
CA GLU B 79 -8.33 -8.01 0.38
C GLU B 79 -7.75 -8.97 1.45
N THR B 80 -7.16 -8.38 2.49
CA THR B 80 -6.56 -9.11 3.59
C THR B 80 -7.67 -9.66 4.48
N LYS B 81 -7.57 -10.94 4.85
CA LYS B 81 -8.58 -11.57 5.70
C LYS B 81 -8.57 -11.13 7.14
N ILE B 82 -9.76 -10.84 7.66
CA ILE B 82 -9.89 -10.52 9.06
C ILE B 82 -10.19 -11.88 9.74
N ASP B 83 -9.54 -12.11 10.87
CA ASP B 83 -9.70 -13.36 11.57
C ASP B 83 -10.89 -13.31 12.50
N LYS B 84 -10.80 -12.48 13.52
CA LYS B 84 -11.83 -12.32 14.51
C LYS B 84 -12.14 -10.86 14.73
N LEU B 85 -13.34 -10.61 15.22
CA LEU B 85 -13.79 -9.29 15.56
C LEU B 85 -14.37 -9.33 16.95
N CYS B 86 -14.02 -8.35 17.78
CA CYS B 86 -14.62 -8.21 19.09
C CYS B 86 -15.59 -7.04 18.87
N VAL B 87 -16.90 -7.28 19.02
CA VAL B 87 -17.91 -6.24 18.79
C VAL B 87 -18.84 -6.02 19.98
N TRP B 88 -19.39 -4.81 20.07
CA TRP B 88 -20.38 -4.49 21.09
C TRP B 88 -21.69 -4.84 20.41
N ASN B 89 -22.46 -5.76 21.01
CA ASN B 89 -23.71 -6.24 20.44
C ASN B 89 -24.98 -5.50 20.88
N ASN B 90 -24.78 -4.37 21.54
CA ASN B 90 -25.88 -3.53 21.99
C ASN B 90 -26.09 -2.32 21.07
N LYS B 91 -25.63 -2.42 19.83
CA LYS B 91 -25.72 -1.36 18.83
C LYS B 91 -26.11 -2.02 17.52
N THR B 92 -26.79 -1.31 16.65
CA THR B 92 -27.17 -1.87 15.35
C THR B 92 -26.72 -0.90 14.26
N PRO B 93 -25.78 -1.31 13.39
CA PRO B 93 -25.10 -2.59 13.35
C PRO B 93 -24.16 -2.72 14.56
N ASN B 94 -23.72 -3.94 14.86
CA ASN B 94 -22.80 -4.15 15.98
C ASN B 94 -21.57 -3.27 15.78
N SER B 95 -21.07 -2.73 16.87
CA SER B 95 -19.93 -1.80 16.88
C SER B 95 -18.57 -2.50 17.08
N ILE B 96 -17.58 -2.20 16.23
CA ILE B 96 -16.26 -2.82 16.31
C ILE B 96 -15.43 -2.32 17.50
N ALA B 97 -14.97 -3.24 18.35
CA ALA B 97 -14.13 -2.88 19.50
C ALA B 97 -12.67 -3.23 19.21
N ALA B 98 -12.45 -4.33 18.49
CA ALA B 98 -11.10 -4.78 18.16
C ALA B 98 -11.15 -5.69 16.96
N ILE B 99 -10.00 -5.85 16.33
CA ILE B 99 -9.85 -6.67 15.13
C ILE B 99 -8.53 -7.43 15.20
N SER B 100 -8.48 -8.61 14.60
CA SER B 100 -7.23 -9.36 14.55
C SER B 100 -7.14 -9.98 13.15
N MET B 101 -5.91 -10.12 12.66
CA MET B 101 -5.63 -10.67 11.35
C MET B 101 -4.44 -11.61 11.51
N LYS B 102 -4.33 -12.59 10.63
CA LYS B 102 -3.24 -13.57 10.71
C LYS B 102 -2.76 -13.93 9.32
N ASN B 103 -1.47 -14.27 9.22
CA ASN B 103 -0.81 -14.68 7.97
C ASN B 103 -0.58 -13.56 6.97
N ALA C 1 24.68 10.22 19.86
CA ALA C 1 23.44 9.40 20.01
C ALA C 1 23.86 7.97 19.73
N PRO C 2 23.06 6.96 20.16
CA PRO C 2 23.40 5.56 19.93
C PRO C 2 23.51 5.32 18.44
N GLN C 3 24.23 4.28 18.06
CA GLN C 3 24.36 4.02 16.64
C GLN C 3 23.70 2.73 16.20
N THR C 4 23.27 1.91 17.15
CA THR C 4 22.61 0.64 16.83
C THR C 4 21.51 0.38 17.86
N ILE C 5 20.61 -0.55 17.54
CA ILE C 5 19.53 -0.91 18.46
C ILE C 5 20.06 -1.49 19.78
N THR C 6 21.14 -2.27 19.71
CA THR C 6 21.70 -2.83 20.94
C THR C 6 22.26 -1.73 21.87
N GLU C 7 22.98 -0.74 21.32
CA GLU C 7 23.51 0.36 22.15
C GLU C 7 22.38 1.10 22.83
N LEU C 8 21.38 1.46 22.04
CA LEU C 8 20.25 2.21 22.52
C LEU C 8 19.48 1.43 23.59
N CYS C 9 19.28 0.14 23.36
CA CYS C 9 18.54 -0.71 24.29
C CYS C 9 19.16 -0.73 25.69
N SER C 10 20.48 -0.91 25.72
CA SER C 10 21.22 -0.99 26.97
C SER C 10 21.25 0.29 27.80
N GLU C 11 20.75 1.39 27.26
CA GLU C 11 20.73 2.63 28.02
C GLU C 11 19.61 2.68 29.03
N TYR C 12 18.69 1.71 28.96
CA TYR C 12 17.51 1.68 29.82
C TYR C 12 17.50 0.48 30.76
N ARG C 13 16.70 0.55 31.83
CA ARG C 13 16.60 -0.57 32.76
C ARG C 13 15.47 -1.47 32.27
N ASN C 14 15.50 -2.71 32.74
CA ASN C 14 14.47 -3.70 32.42
C ASN C 14 14.21 -3.90 30.94
N THR C 15 15.25 -3.81 30.13
CA THR C 15 15.10 -4.01 28.69
C THR C 15 15.81 -5.29 28.33
N GLN C 16 15.50 -5.80 27.14
CA GLN C 16 16.10 -7.03 26.66
C GLN C 16 15.99 -7.00 25.16
N ILE C 17 16.97 -7.56 24.48
CA ILE C 17 16.97 -7.62 23.03
C ILE C 17 16.47 -9.00 22.61
N TYR C 18 15.60 -9.04 21.60
CA TYR C 18 15.12 -10.30 21.06
C TYR C 18 15.51 -10.30 19.60
N THR C 19 16.13 -11.36 19.11
CA THR C 19 16.47 -11.44 17.70
C THR C 19 15.36 -12.23 17.06
N ILE C 20 14.55 -11.57 16.26
CA ILE C 20 13.41 -12.22 15.64
C ILE C 20 13.71 -12.80 14.28
N ASN C 21 14.13 -11.94 13.34
CA ASN C 21 14.48 -12.43 12.01
C ASN C 21 13.30 -13.21 11.39
N ASP C 22 12.11 -12.64 11.48
CA ASP C 22 10.89 -13.26 10.91
C ASP C 22 9.83 -12.17 10.77
N LYS C 23 8.78 -12.44 10.01
CA LYS C 23 7.71 -11.47 9.82
C LYS C 23 6.69 -11.64 10.92
N ILE C 24 5.76 -10.69 11.05
CA ILE C 24 4.72 -10.75 12.06
C ILE C 24 3.66 -11.82 11.64
N LEU C 25 3.30 -12.72 12.55
CA LEU C 25 2.29 -13.73 12.25
C LEU C 25 0.88 -13.17 12.42
N SER C 26 0.59 -12.53 13.54
CA SER C 26 -0.73 -11.95 13.77
C SER C 26 -0.65 -10.52 14.29
N TYR C 27 -1.68 -9.76 13.98
CA TYR C 27 -1.77 -8.36 14.34
C TYR C 27 -3.15 -8.14 14.96
N THR C 28 -3.16 -7.59 16.16
CA THR C 28 -4.41 -7.31 16.84
C THR C 28 -4.42 -5.83 17.20
N GLU C 29 -5.50 -5.15 16.85
CA GLU C 29 -5.60 -3.74 17.15
C GLU C 29 -6.87 -3.49 17.94
N SER C 30 -6.80 -2.67 18.97
CA SER C 30 -7.96 -2.39 19.79
C SER C 30 -8.22 -0.91 20.02
N MET C 31 -9.48 -0.52 19.91
CA MET C 31 -9.91 0.85 20.18
C MET C 31 -10.81 0.88 21.43
N ALA C 32 -10.87 -0.24 22.15
CA ALA C 32 -11.70 -0.31 23.37
C ALA C 32 -11.12 0.55 24.49
N GLY C 33 -11.99 1.16 25.28
CA GLY C 33 -11.59 2.03 26.37
C GLY C 33 -10.53 1.50 27.32
N LYS C 34 -9.49 2.29 27.52
CA LYS C 34 -8.35 1.96 28.37
C LYS C 34 -7.49 0.83 27.79
N ARG C 35 -7.89 0.31 26.64
CA ARG C 35 -7.13 -0.76 25.98
C ARG C 35 -6.80 -0.36 24.56
N GLU C 36 -6.48 0.91 24.32
CA GLU C 36 -6.14 1.35 22.97
C GLU C 36 -4.72 0.90 22.70
N MET C 37 -4.58 -0.24 22.02
CA MET C 37 -3.27 -0.83 21.80
C MET C 37 -3.18 -1.81 20.64
N VAL C 38 -1.94 -2.19 20.34
CA VAL C 38 -1.62 -3.16 19.29
C VAL C 38 -0.84 -4.33 19.92
N ILE C 39 -1.16 -5.56 19.50
CA ILE C 39 -0.51 -6.80 19.99
C ILE C 39 -0.06 -7.58 18.76
N ILE C 40 1.19 -8.02 18.75
CA ILE C 40 1.69 -8.79 17.63
C ILE C 40 2.26 -10.09 18.17
N THR C 41 2.28 -11.13 17.35
CA THR C 41 2.86 -12.41 17.73
C THR C 41 3.68 -12.93 16.56
N PHE C 42 4.62 -13.83 16.85
CA PHE C 42 5.47 -14.43 15.84
C PHE C 42 5.27 -15.91 15.87
N LYS C 43 5.65 -16.56 14.79
CA LYS C 43 5.52 -18.00 14.65
C LYS C 43 6.23 -18.72 15.79
N SER C 44 7.33 -18.15 16.24
CA SER C 44 8.08 -18.74 17.34
C SER C 44 7.34 -18.75 18.68
N GLY C 45 6.24 -18.00 18.77
CA GLY C 45 5.48 -17.99 19.99
C GLY C 45 5.44 -16.70 20.77
N GLU C 46 6.46 -15.86 20.61
CA GLU C 46 6.50 -14.59 21.34
C GLU C 46 5.38 -13.66 20.96
N THR C 47 4.94 -12.88 21.94
CA THR C 47 3.84 -11.94 21.79
C THR C 47 4.35 -10.63 22.39
N PHE C 48 4.10 -9.52 21.72
CA PHE C 48 4.56 -8.24 22.23
C PHE C 48 3.45 -7.21 22.08
N GLN C 49 3.51 -6.14 22.84
CA GLN C 49 2.52 -5.10 22.78
C GLN C 49 3.16 -3.72 22.66
N VAL C 50 2.39 -2.77 22.14
CA VAL C 50 2.79 -1.37 22.13
C VAL C 50 1.82 -0.99 23.23
N GLU C 51 2.29 -0.49 24.36
CA GLU C 51 1.35 -0.19 25.43
C GLU C 51 0.48 1.05 25.30
N VAL C 52 -0.57 1.11 26.12
CA VAL C 52 -1.49 2.23 26.14
C VAL C 52 -0.73 3.42 26.74
N PRO C 53 -0.85 4.62 26.16
CA PRO C 53 -0.14 5.77 26.71
C PRO C 53 -0.51 5.96 28.18
N GLY C 54 0.49 6.23 29.01
CA GLY C 54 0.20 6.39 30.41
C GLY C 54 1.14 7.34 31.08
N SER C 55 1.11 7.34 32.40
CA SER C 55 1.95 8.20 33.22
C SER C 55 3.43 7.81 33.18
N GLN C 56 3.71 6.60 32.72
CA GLN C 56 5.09 6.13 32.60
C GLN C 56 5.70 6.64 31.28
N HIS C 57 4.90 7.36 30.48
CA HIS C 57 5.34 7.87 29.18
C HIS C 57 5.52 9.38 29.19
N ILE C 58 6.66 9.85 28.70
CA ILE C 58 6.89 11.29 28.63
C ILE C 58 6.21 11.82 27.36
N ASP C 59 5.83 13.08 27.37
CA ASP C 59 5.13 13.69 26.23
C ASP C 59 5.71 13.43 24.87
N SER C 60 7.03 13.52 24.76
CA SER C 60 7.70 13.27 23.50
C SER C 60 7.45 11.85 23.01
N GLN C 61 6.98 11.00 23.92
CA GLN C 61 6.70 9.61 23.58
C GLN C 61 5.31 9.41 23.01
N LYS C 62 4.42 10.36 23.24
CA LYS C 62 3.05 10.29 22.74
C LYS C 62 3.02 10.09 21.22
N LYS C 63 3.82 10.87 20.49
CA LYS C 63 3.86 10.75 19.03
C LYS C 63 4.66 9.53 18.55
N ALA C 64 5.69 9.16 19.30
CA ALA C 64 6.51 8.01 18.93
C ALA C 64 5.67 6.73 19.01
N ILE C 65 4.76 6.67 19.98
CA ILE C 65 3.86 5.53 20.18
C ILE C 65 2.98 5.35 18.96
N GLU C 66 2.44 6.47 18.45
CA GLU C 66 1.60 6.40 17.26
C GLU C 66 2.41 5.93 16.04
N ARG C 67 3.63 6.46 15.89
CA ARG C 67 4.50 6.06 14.79
C ARG C 67 4.79 4.56 14.82
N MET C 68 5.08 4.03 16.00
CA MET C 68 5.37 2.58 16.18
C MET C 68 4.17 1.69 15.72
N LYS C 69 2.95 2.08 16.08
CA LYS C 69 1.76 1.32 15.67
C LYS C 69 1.62 1.39 14.13
N ASP C 70 1.95 2.54 13.52
CA ASP C 70 1.90 2.68 12.06
C ASP C 70 2.91 1.72 11.44
N THR C 71 4.11 1.72 11.99
CA THR C 71 5.16 0.85 11.52
C THR C 71 4.77 -0.63 11.64
N LEU C 72 4.20 -1.02 12.78
CA LEU C 72 3.79 -2.42 12.97
C LEU C 72 2.70 -2.85 11.99
N ARG C 73 1.72 -1.96 11.72
CA ARG C 73 0.66 -2.29 10.77
C ARG C 73 1.22 -2.49 9.36
N ILE C 74 2.03 -1.55 8.89
CA ILE C 74 2.59 -1.67 7.54
C ILE C 74 3.61 -2.80 7.37
N THR C 75 4.40 -3.12 8.41
CA THR C 75 5.34 -4.24 8.25
C THR C 75 4.58 -5.59 8.27
N TYR C 76 3.49 -5.65 9.02
CA TYR C 76 2.65 -6.85 9.03
C TYR C 76 2.03 -7.02 7.64
N LEU C 77 1.46 -5.95 7.07
CA LEU C 77 0.83 -6.04 5.75
C LEU C 77 1.78 -6.42 4.65
N THR C 78 2.98 -5.83 4.68
CA THR C 78 3.97 -6.10 3.64
C THR C 78 4.79 -7.37 3.89
N GLU C 79 4.53 -8.06 5.00
CA GLU C 79 5.25 -9.28 5.35
C GLU C 79 6.75 -9.05 5.41
N THR C 80 7.14 -7.90 5.97
CA THR C 80 8.53 -7.52 6.08
C THR C 80 9.17 -8.13 7.33
N LYS C 81 10.34 -8.77 7.16
CA LYS C 81 11.03 -9.38 8.30
C LYS C 81 11.51 -8.34 9.29
N ILE C 82 11.38 -8.70 10.56
CA ILE C 82 11.85 -7.84 11.63
C ILE C 82 13.13 -8.53 12.04
N ASP C 83 14.17 -7.75 12.26
CA ASP C 83 15.47 -8.25 12.65
C ASP C 83 15.49 -8.38 14.19
N LYS C 84 15.53 -7.25 14.90
CA LYS C 84 15.57 -7.24 16.36
C LYS C 84 14.53 -6.36 17.00
N LEU C 85 14.23 -6.65 18.26
CA LEU C 85 13.31 -5.84 19.02
C LEU C 85 13.97 -5.58 20.35
N CYS C 86 13.81 -4.37 20.86
CA CYS C 86 14.31 -4.02 22.17
C CYS C 86 12.99 -3.86 22.92
N VAL C 87 12.81 -4.61 24.01
CA VAL C 87 11.56 -4.57 24.74
C VAL C 87 11.74 -4.43 26.24
N TRP C 88 10.75 -3.86 26.90
CA TRP C 88 10.76 -3.76 28.33
C TRP C 88 10.17 -5.09 28.76
N ASN C 89 10.93 -5.90 29.50
CA ASN C 89 10.42 -7.19 29.94
C ASN C 89 9.76 -7.19 31.32
N ASN C 90 9.45 -6.02 31.86
CA ASN C 90 8.76 -5.95 33.15
C ASN C 90 7.27 -5.72 32.90
N LYS C 91 6.83 -6.11 31.72
CA LYS C 91 5.45 -5.95 31.31
C LYS C 91 5.02 -7.25 30.67
N THR C 92 3.73 -7.55 30.71
CA THR C 92 3.16 -8.75 30.11
C THR C 92 1.93 -8.37 29.25
N PRO C 93 2.00 -8.55 27.91
CA PRO C 93 3.14 -9.07 27.15
C PRO C 93 4.30 -8.06 27.21
N ASN C 94 5.50 -8.49 26.83
CA ASN C 94 6.65 -7.58 26.84
C ASN C 94 6.35 -6.37 25.95
N SER C 95 6.82 -5.19 26.38
CA SER C 95 6.55 -3.92 25.70
C SER C 95 7.63 -3.43 24.73
N ILE C 96 7.23 -3.08 23.51
CA ILE C 96 8.16 -2.62 22.47
C ILE C 96 8.75 -1.21 22.67
N ALA C 97 10.10 -1.14 22.68
CA ALA C 97 10.83 0.13 22.85
C ALA C 97 11.48 0.60 21.54
N ALA C 98 11.96 -0.36 20.74
CA ALA C 98 12.60 -0.06 19.47
C ALA C 98 12.51 -1.29 18.60
N ILE C 99 12.57 -1.08 17.30
CA ILE C 99 12.49 -2.14 16.31
C ILE C 99 13.57 -1.88 15.25
N SER C 100 14.08 -2.95 14.66
CA SER C 100 15.11 -2.85 13.64
C SER C 100 14.75 -3.81 12.50
N MET C 101 15.03 -3.38 11.28
CA MET C 101 14.77 -4.19 10.09
C MET C 101 15.97 -4.06 9.16
N LYS C 102 16.35 -5.13 8.48
CA LYS C 102 17.46 -5.07 7.54
C LYS C 102 17.25 -6.07 6.44
N ASN C 103 17.77 -5.79 5.25
CA ASN C 103 17.61 -6.75 4.15
C ASN C 103 18.91 -7.01 3.40
N ALA D 1 14.04 30.46 -4.02
CA ALA D 1 14.57 29.37 -3.16
C ALA D 1 15.60 28.50 -3.89
N PRO D 2 16.34 27.68 -3.12
CA PRO D 2 17.34 26.82 -3.76
C PRO D 2 16.67 25.87 -4.74
N GLN D 3 17.41 25.49 -5.77
CA GLN D 3 16.87 24.61 -6.78
C GLN D 3 17.39 23.19 -6.68
N THR D 4 18.46 22.98 -5.92
CA THR D 4 19.01 21.65 -5.76
C THR D 4 19.43 21.46 -4.30
N ILE D 5 19.65 20.21 -3.91
CA ILE D 5 20.07 19.90 -2.55
C ILE D 5 21.45 20.53 -2.27
N THR D 6 22.35 20.51 -3.25
CA THR D 6 23.67 21.08 -3.06
C THR D 6 23.60 22.59 -2.76
N GLU D 7 22.70 23.32 -3.43
CA GLU D 7 22.52 24.75 -3.15
C GLU D 7 21.97 24.95 -1.75
N LEU D 8 20.98 24.13 -1.42
CA LEU D 8 20.32 24.21 -0.13
C LEU D 8 21.31 23.92 0.98
N CYS D 9 22.11 22.87 0.79
CA CYS D 9 23.11 22.45 1.78
C CYS D 9 24.15 23.54 2.06
N SER D 10 24.61 24.18 1.00
CA SER D 10 25.61 25.24 1.13
C SER D 10 25.18 26.45 1.96
N GLU D 11 23.89 26.58 2.27
CA GLU D 11 23.40 27.72 3.05
C GLU D 11 23.55 27.55 4.55
N TYR D 12 24.10 26.42 4.97
CA TYR D 12 24.24 26.13 6.39
C TYR D 12 25.67 25.79 6.77
N ARG D 13 26.02 26.01 8.03
CA ARG D 13 27.33 25.71 8.55
C ARG D 13 27.38 24.26 8.99
N ASN D 14 28.57 23.69 8.98
CA ASN D 14 28.74 22.33 9.44
C ASN D 14 27.90 21.31 8.70
N THR D 15 27.69 21.55 7.42
CA THR D 15 26.95 20.59 6.63
C THR D 15 27.90 20.02 5.59
N GLN D 16 27.52 18.87 5.04
CA GLN D 16 28.32 18.21 4.03
C GLN D 16 27.37 17.39 3.18
N ILE D 17 27.73 17.22 1.92
CA ILE D 17 26.93 16.42 1.00
C ILE D 17 27.57 15.03 0.84
N TYR D 18 26.78 13.97 0.98
CA TYR D 18 27.28 12.62 0.79
C TYR D 18 26.55 12.07 -0.40
N THR D 19 27.28 11.53 -1.34
CA THR D 19 26.66 10.92 -2.50
C THR D 19 26.52 9.43 -2.15
N ILE D 20 25.29 8.99 -1.87
CA ILE D 20 25.06 7.61 -1.48
C ILE D 20 24.82 6.66 -2.66
N ASN D 21 23.83 6.98 -3.51
CA ASN D 21 23.48 6.18 -4.69
C ASN D 21 23.21 4.69 -4.37
N ASP D 22 22.42 4.44 -3.34
CA ASP D 22 22.11 3.08 -2.94
C ASP D 22 20.86 3.10 -2.07
N LYS D 23 20.29 1.92 -1.86
CA LYS D 23 19.11 1.81 -1.03
C LYS D 23 19.59 1.68 0.40
N ILE D 24 18.68 1.86 1.34
CA ILE D 24 18.97 1.75 2.76
C ILE D 24 19.15 0.28 3.14
N LEU D 25 20.19 -0.02 3.92
CA LEU D 25 20.44 -1.39 4.35
C LEU D 25 19.63 -1.75 5.58
N SER D 26 19.65 -0.90 6.60
CA SER D 26 18.89 -1.17 7.80
C SER D 26 18.18 0.06 8.28
N TYR D 27 17.06 -0.16 8.94
CA TYR D 27 16.22 0.90 9.46
C TYR D 27 15.92 0.58 10.91
N THR D 28 16.18 1.53 11.81
CA THR D 28 15.93 1.36 13.24
C THR D 28 15.05 2.50 13.74
N GLU D 29 13.98 2.15 14.46
CA GLU D 29 13.05 3.14 15.02
C GLU D 29 12.89 2.92 16.51
N SER D 30 12.95 3.99 17.28
CA SER D 30 12.83 3.94 18.74
C SER D 30 11.79 4.88 19.34
N MET D 31 10.99 4.36 20.29
CA MET D 31 10.01 5.17 21.01
C MET D 31 10.40 5.31 22.48
N ALA D 32 11.63 4.93 22.81
CA ALA D 32 12.12 5.02 24.19
C ALA D 32 12.30 6.50 24.58
N GLY D 33 11.89 6.85 25.81
CA GLY D 33 11.98 8.21 26.31
C GLY D 33 13.33 8.88 26.10
N LYS D 34 13.33 10.05 25.48
CA LYS D 34 14.53 10.82 25.19
C LYS D 34 15.34 10.28 24.02
N ARG D 35 14.88 9.17 23.43
CA ARG D 35 15.58 8.58 22.29
C ARG D 35 14.59 8.27 21.15
N GLU D 36 13.63 9.16 20.96
CA GLU D 36 12.61 9.01 19.93
C GLU D 36 13.30 9.43 18.64
N MET D 37 13.80 8.46 17.89
CA MET D 37 14.56 8.79 16.71
C MET D 37 14.61 7.66 15.69
N VAL D 38 15.24 7.94 14.55
CA VAL D 38 15.41 6.96 13.48
C VAL D 38 16.87 6.93 13.08
N ILE D 39 17.41 5.73 12.85
CA ILE D 39 18.78 5.53 12.44
C ILE D 39 18.76 4.67 11.20
N ILE D 40 19.58 5.03 10.21
CA ILE D 40 19.65 4.25 8.98
C ILE D 40 21.11 4.00 8.69
N THR D 41 21.39 2.90 7.99
CA THR D 41 22.77 2.59 7.61
C THR D 41 22.76 2.16 6.18
N PHE D 42 23.95 2.18 5.57
CA PHE D 42 24.14 1.77 4.19
C PHE D 42 25.23 0.71 4.18
N LYS D 43 25.26 -0.07 3.11
CA LYS D 43 26.21 -1.14 2.90
C LYS D 43 27.70 -0.67 2.95
N SER D 44 27.95 0.56 2.53
CA SER D 44 29.31 1.10 2.54
C SER D 44 29.82 1.47 3.95
N GLY D 45 28.99 1.29 4.97
CA GLY D 45 29.40 1.59 6.34
C GLY D 45 28.88 2.88 6.93
N GLU D 46 28.23 3.72 6.14
CA GLU D 46 27.72 4.98 6.66
C GLU D 46 26.46 4.84 7.51
N THR D 47 26.40 5.59 8.60
CA THR D 47 25.27 5.56 9.52
C THR D 47 24.82 7.00 9.77
N PHE D 48 23.52 7.27 9.65
CA PHE D 48 22.97 8.62 9.86
C PHE D 48 21.75 8.56 10.79
N GLN D 49 21.36 9.69 11.37
CA GLN D 49 20.21 9.71 12.26
C GLN D 49 19.30 10.89 11.92
N VAL D 50 18.05 10.83 12.39
CA VAL D 50 17.12 11.96 12.28
C VAL D 50 17.03 12.19 13.77
N GLU D 51 17.45 13.38 14.20
CA GLU D 51 17.50 13.72 15.61
C GLU D 51 16.23 13.81 16.43
N VAL D 52 16.41 13.53 17.72
CA VAL D 52 15.36 13.64 18.69
C VAL D 52 15.07 15.14 18.66
N PRO D 53 13.79 15.55 18.52
CA PRO D 53 13.47 16.98 18.49
C PRO D 53 14.01 17.70 19.74
N GLY D 54 14.52 18.91 19.58
CA GLY D 54 15.06 19.60 20.73
C GLY D 54 15.14 21.11 20.59
N SER D 55 15.96 21.74 21.44
CA SER D 55 16.11 23.19 21.45
C SER D 55 16.67 23.77 20.15
N GLN D 56 17.46 22.97 19.43
CA GLN D 56 18.05 23.43 18.16
C GLN D 56 17.04 23.43 17.03
N HIS D 57 15.86 22.84 17.26
CA HIS D 57 14.82 22.79 16.23
C HIS D 57 13.79 23.84 16.47
N ILE D 58 13.52 24.65 15.46
CA ILE D 58 12.51 25.69 15.56
C ILE D 58 11.13 25.07 15.35
N ASP D 59 10.10 25.84 15.60
CA ASP D 59 8.74 25.36 15.45
C ASP D 59 8.47 24.74 14.10
N SER D 60 8.86 25.44 13.04
CA SER D 60 8.64 24.93 11.67
C SER D 60 9.34 23.60 11.36
N GLN D 61 10.36 23.27 12.13
CA GLN D 61 11.07 22.02 11.90
C GLN D 61 10.40 20.81 12.52
N LYS D 62 9.62 21.03 13.57
CA LYS D 62 8.93 19.94 14.26
C LYS D 62 8.18 19.07 13.28
N LYS D 63 7.41 19.69 12.40
CA LYS D 63 6.66 18.92 11.43
C LYS D 63 7.53 18.24 10.39
N ALA D 64 8.56 18.95 9.92
CA ALA D 64 9.46 18.40 8.90
C ALA D 64 10.26 17.22 9.44
N ILE D 65 10.52 17.20 10.74
CA ILE D 65 11.24 16.08 11.36
C ILE D 65 10.37 14.82 11.24
N GLU D 66 9.08 14.95 11.57
CA GLU D 66 8.14 13.83 11.47
C GLU D 66 8.01 13.37 10.03
N ARG D 67 7.95 14.30 9.09
CA ARG D 67 7.88 13.96 7.66
C ARG D 67 9.12 13.21 7.20
N MET D 68 10.30 13.60 7.67
CA MET D 68 11.56 12.93 7.27
C MET D 68 11.60 11.45 7.72
N LYS D 69 11.12 11.17 8.92
CA LYS D 69 11.07 9.80 9.43
C LYS D 69 10.06 8.97 8.63
N ASP D 70 8.96 9.59 8.21
CA ASP D 70 7.96 8.89 7.39
C ASP D 70 8.66 8.57 6.07
N THR D 71 9.39 9.55 5.51
CA THR D 71 10.10 9.33 4.24
C THR D 71 11.13 8.22 4.29
N LEU D 72 11.89 8.14 5.38
CA LEU D 72 12.90 7.10 5.54
C LEU D 72 12.25 5.70 5.70
N ARG D 73 11.13 5.62 6.40
CA ARG D 73 10.45 4.31 6.54
C ARG D 73 9.96 3.80 5.19
N ILE D 74 9.21 4.63 4.45
CA ILE D 74 8.70 4.22 3.16
C ILE D 74 9.80 3.99 2.14
N THR D 75 10.87 4.76 2.23
CA THR D 75 12.00 4.58 1.30
C THR D 75 12.66 3.22 1.55
N TYR D 76 12.81 2.86 2.81
CA TYR D 76 13.38 1.55 3.17
C TYR D 76 12.49 0.41 2.66
N LEU D 77 11.20 0.49 2.97
CA LEU D 77 10.26 -0.55 2.55
C LEU D 77 10.20 -0.78 1.04
N THR D 78 10.25 0.30 0.26
CA THR D 78 10.18 0.17 -1.19
C THR D 78 11.55 -0.06 -1.83
N GLU D 79 12.61 -0.09 -1.03
CA GLU D 79 13.96 -0.30 -1.56
C GLU D 79 14.32 0.77 -2.63
N THR D 80 13.95 2.01 -2.37
CA THR D 80 14.24 3.11 -3.29
C THR D 80 15.67 3.63 -3.11
N LYS D 81 16.36 3.86 -4.21
CA LYS D 81 17.72 4.37 -4.16
C LYS D 81 17.74 5.83 -3.71
N ILE D 82 18.66 6.14 -2.81
CA ILE D 82 18.81 7.50 -2.35
C ILE D 82 20.00 8.02 -3.13
N ASP D 83 19.85 9.21 -3.71
CA ASP D 83 20.91 9.84 -4.46
C ASP D 83 21.91 10.54 -3.52
N LYS D 84 21.50 11.62 -2.87
CA LYS D 84 22.38 12.37 -1.94
C LYS D 84 21.73 12.71 -0.61
N LEU D 85 22.57 12.98 0.36
CA LEU D 85 22.12 13.40 1.67
C LEU D 85 22.94 14.63 2.04
N CYS D 86 22.28 15.60 2.66
CA CYS D 86 22.93 16.79 3.16
C CYS D 86 22.81 16.55 4.66
N VAL D 87 23.94 16.55 5.36
CA VAL D 87 23.94 16.27 6.78
C VAL D 87 24.78 17.24 7.61
N TRP D 88 24.40 17.39 8.88
CA TRP D 88 25.17 18.19 9.82
C TRP D 88 26.22 17.21 10.38
N ASN D 89 27.49 17.57 10.21
CA ASN D 89 28.58 16.72 10.65
C ASN D 89 29.06 16.96 12.08
N ASN D 90 28.37 17.84 12.80
CA ASN D 90 28.75 18.13 14.17
C ASN D 90 27.94 17.30 15.16
N LYS D 91 27.43 16.16 14.70
CA LYS D 91 26.63 15.26 15.53
C LYS D 91 27.08 13.86 15.16
N THR D 92 26.97 12.93 16.10
CA THR D 92 27.32 11.54 15.85
C THR D 92 26.15 10.64 16.27
N PRO D 93 25.59 9.87 15.32
CA PRO D 93 26.04 9.89 13.92
C PRO D 93 25.61 11.19 13.25
N ASN D 94 26.09 11.43 12.05
CA ASN D 94 25.72 12.66 11.35
C ASN D 94 24.22 12.73 11.21
N SER D 95 23.70 13.95 11.35
CA SER D 95 22.27 14.23 11.33
C SER D 95 21.75 14.69 9.95
N ILE D 96 20.63 14.11 9.52
CA ILE D 96 20.07 14.44 8.21
C ILE D 96 19.37 15.80 8.14
N ALA D 97 19.79 16.61 7.17
CA ALA D 97 19.22 17.92 6.94
C ALA D 97 18.27 17.88 5.73
N ALA D 98 18.67 17.14 4.69
CA ALA D 98 17.89 17.03 3.47
C ALA D 98 18.25 15.73 2.77
N ILE D 99 17.34 15.24 1.94
CA ILE D 99 17.55 13.99 1.21
C ILE D 99 17.13 14.19 -0.24
N SER D 100 17.80 13.49 -1.16
CA SER D 100 17.52 13.60 -2.57
C SER D 100 17.46 12.19 -3.15
N MET D 101 16.56 11.97 -4.10
CA MET D 101 16.37 10.66 -4.76
C MET D 101 16.10 10.90 -6.24
N LYS D 102 16.61 10.04 -7.13
CA LYS D 102 16.35 10.25 -8.54
C LYS D 102 16.13 9.00 -9.40
N ASN D 103 15.31 9.21 -10.44
CA ASN D 103 14.89 8.26 -11.50
C ASN D 103 13.51 7.63 -11.35
N ALA E 1 -18.15 25.95 -8.08
CA ALA E 1 -16.67 25.71 -7.91
C ALA E 1 -16.03 25.25 -9.23
N PRO E 2 -14.69 25.41 -9.39
CA PRO E 2 -14.03 24.98 -10.63
C PRO E 2 -14.31 23.50 -10.88
N GLN E 3 -14.19 23.09 -12.13
CA GLN E 3 -14.43 21.70 -12.44
C GLN E 3 -13.19 21.03 -13.05
N THR E 4 -12.16 21.82 -13.33
CA THR E 4 -10.93 21.30 -13.90
C THR E 4 -9.78 22.10 -13.32
N ILE E 5 -8.54 21.65 -13.53
CA ILE E 5 -7.35 22.35 -13.02
C ILE E 5 -7.11 23.66 -13.76
N THR E 6 -7.37 23.69 -15.06
CA THR E 6 -7.16 24.90 -15.86
C THR E 6 -8.12 26.01 -15.36
N GLU E 7 -9.37 25.62 -15.13
CA GLU E 7 -10.40 26.52 -14.66
C GLU E 7 -10.08 27.08 -13.28
N LEU E 8 -9.44 26.26 -12.45
CA LEU E 8 -9.08 26.69 -11.11
C LEU E 8 -7.87 27.60 -11.21
N CYS E 9 -6.93 27.23 -12.08
CA CYS E 9 -5.70 27.99 -12.26
C CYS E 9 -5.98 29.44 -12.69
N SER E 10 -6.92 29.60 -13.59
CA SER E 10 -7.32 30.92 -14.11
C SER E 10 -7.89 31.88 -13.09
N GLU E 11 -8.25 31.41 -11.91
CA GLU E 11 -8.83 32.30 -10.92
C GLU E 11 -7.77 33.09 -10.18
N TYR E 12 -6.50 32.83 -10.47
CA TYR E 12 -5.43 33.50 -9.74
C TYR E 12 -4.54 34.35 -10.62
N ARG E 13 -3.92 35.34 -10.00
CA ARG E 13 -3.00 36.20 -10.71
C ARG E 13 -1.62 35.60 -10.51
N ASN E 14 -0.83 35.60 -11.57
CA ASN E 14 0.54 35.09 -11.54
C ASN E 14 0.65 33.56 -11.60
N THR E 15 -0.25 32.94 -12.33
CA THR E 15 -0.23 31.49 -12.45
C THR E 15 -0.05 31.12 -13.89
N GLN E 16 0.15 29.84 -14.11
CA GLN E 16 0.37 29.32 -15.44
C GLN E 16 0.26 27.80 -15.39
N ILE E 17 -0.24 27.19 -16.45
CA ILE E 17 -0.39 25.74 -16.51
C ILE E 17 0.77 25.08 -17.28
N TYR E 18 1.41 24.10 -16.65
CA TYR E 18 2.47 23.33 -17.26
C TYR E 18 1.89 21.96 -17.56
N THR E 19 1.96 21.52 -18.81
CA THR E 19 1.47 20.19 -19.16
C THR E 19 2.69 19.30 -19.04
N ILE E 20 2.69 18.45 -18.02
CA ILE E 20 3.83 17.58 -17.79
C ILE E 20 3.70 16.25 -18.52
N ASN E 21 2.65 15.51 -18.21
CA ASN E 21 2.41 14.19 -18.79
C ASN E 21 3.65 13.28 -18.67
N ASP E 22 4.22 13.22 -17.48
CA ASP E 22 5.42 12.42 -17.26
C ASP E 22 5.56 12.18 -15.77
N LYS E 23 6.42 11.26 -15.41
CA LYS E 23 6.67 10.96 -14.00
C LYS E 23 7.79 11.87 -13.54
N ILE E 24 7.85 12.07 -12.23
CA ILE E 24 8.86 12.90 -11.57
C ILE E 24 10.24 12.24 -11.67
N LEU E 25 11.26 13.04 -12.00
CA LEU E 25 12.60 12.52 -12.12
C LEU E 25 13.36 12.55 -10.80
N SER E 26 13.27 13.63 -10.05
CA SER E 26 13.98 13.66 -8.78
C SER E 26 13.11 14.31 -7.77
N TYR E 27 13.33 13.96 -6.52
CA TYR E 27 12.56 14.48 -5.42
C TYR E 27 13.54 14.88 -4.33
N THR E 28 13.39 16.08 -3.79
CA THR E 28 14.26 16.60 -2.73
C THR E 28 13.38 17.10 -1.60
N GLU E 29 13.70 16.71 -0.38
CA GLU E 29 12.93 17.10 0.79
C GLU E 29 13.92 17.63 1.82
N SER E 30 13.59 18.72 2.47
CA SER E 30 14.50 19.30 3.42
C SER E 30 13.83 19.65 4.73
N MET E 31 14.50 19.38 5.86
CA MET E 31 13.96 19.74 7.16
C MET E 31 14.87 20.79 7.81
N ALA E 32 15.76 21.38 7.01
CA ALA E 32 16.70 22.40 7.47
C ALA E 32 15.94 23.67 7.86
N GLY E 33 16.32 24.28 8.99
CA GLY E 33 15.66 25.47 9.49
C GLY E 33 15.39 26.56 8.48
N LYS E 34 14.14 27.02 8.43
CA LYS E 34 13.68 28.07 7.51
C LYS E 34 13.57 27.64 6.05
N ARG E 35 13.88 26.39 5.74
CA ARG E 35 13.79 25.88 4.37
C ARG E 35 13.18 24.47 4.33
N GLU E 36 12.10 24.30 5.09
CA GLU E 36 11.41 23.02 5.17
C GLU E 36 10.51 23.01 3.95
N MET E 37 11.02 22.42 2.86
CA MET E 37 10.29 22.42 1.61
C MET E 37 10.58 21.15 0.82
N VAL E 38 9.96 21.06 -0.35
CA VAL E 38 10.14 19.96 -1.28
C VAL E 38 10.39 20.53 -2.68
N ILE E 39 11.27 19.88 -3.44
CA ILE E 39 11.59 20.31 -4.78
C ILE E 39 11.54 19.07 -5.67
N ILE E 40 10.88 19.18 -6.82
CA ILE E 40 10.80 18.07 -7.77
C ILE E 40 11.29 18.58 -9.13
N THR E 41 11.80 17.68 -9.97
CA THR E 41 12.23 18.06 -11.30
C THR E 41 11.81 16.95 -12.21
N PHE E 42 11.82 17.24 -13.51
CA PHE E 42 11.43 16.31 -14.54
C PHE E 42 12.55 16.20 -15.56
N LYS E 43 12.41 15.23 -16.44
CA LYS E 43 13.37 14.97 -17.50
C LYS E 43 13.56 16.22 -18.37
N SER E 44 12.50 17.02 -18.49
CA SER E 44 12.53 18.25 -19.28
C SER E 44 13.45 19.31 -18.66
N GLY E 45 13.86 19.09 -17.42
CA GLY E 45 14.69 20.03 -16.71
C GLY E 45 13.85 20.98 -15.89
N GLU E 46 12.54 20.98 -16.08
CA GLU E 46 11.71 21.90 -15.30
C GLU E 46 11.78 21.51 -13.84
N THR E 47 11.83 22.52 -12.98
CA THR E 47 11.96 22.35 -11.56
C THR E 47 10.84 23.10 -10.85
N PHE E 48 10.24 22.47 -9.84
CA PHE E 48 9.17 23.11 -9.09
C PHE E 48 9.36 22.90 -7.60
N GLN E 49 8.76 23.77 -6.79
CA GLN E 49 8.86 23.67 -5.35
C GLN E 49 7.48 23.77 -4.70
N VAL E 50 7.41 23.29 -3.46
CA VAL E 50 6.23 23.45 -2.65
C VAL E 50 6.86 24.42 -1.64
N GLU E 51 6.36 25.64 -1.56
CA GLU E 51 6.95 26.63 -0.68
C GLU E 51 6.95 26.33 0.81
N VAL E 52 7.82 27.03 1.54
CA VAL E 52 7.91 26.95 3.00
C VAL E 52 6.65 27.72 3.43
N PRO E 53 5.89 27.20 4.40
CA PRO E 53 4.69 27.95 4.79
C PRO E 53 5.10 29.37 5.21
N GLY E 54 4.25 30.35 4.97
CA GLY E 54 4.61 31.69 5.35
C GLY E 54 3.38 32.55 5.54
N SER E 55 3.58 33.86 5.57
CA SER E 55 2.47 34.81 5.74
C SER E 55 1.64 35.00 4.46
N GLN E 56 2.13 34.47 3.34
CA GLN E 56 1.40 34.55 2.09
C GLN E 56 0.40 33.38 2.08
N HIS E 57 0.49 32.54 3.12
CA HIS E 57 -0.38 31.39 3.27
C HIS E 57 -1.46 31.63 4.31
N ILE E 58 -2.71 31.47 3.90
CA ILE E 58 -3.84 31.65 4.81
C ILE E 58 -3.92 30.35 5.59
N ASP E 59 -4.40 30.43 6.82
CA ASP E 59 -4.49 29.27 7.72
C ASP E 59 -5.06 27.99 7.10
N SER E 60 -6.05 28.11 6.20
CA SER E 60 -6.65 26.95 5.56
C SER E 60 -5.70 26.26 4.58
N GLN E 61 -4.66 26.97 4.16
CA GLN E 61 -3.67 26.44 3.23
C GLN E 61 -2.64 25.56 3.90
N LYS E 62 -2.45 25.75 5.19
CA LYS E 62 -1.45 24.99 5.95
C LYS E 62 -1.66 23.47 5.91
N LYS E 63 -2.90 23.01 6.01
CA LYS E 63 -3.14 21.58 5.94
C LYS E 63 -3.01 21.13 4.49
N ALA E 64 -3.37 21.99 3.55
CA ALA E 64 -3.29 21.63 2.12
C ALA E 64 -1.82 21.51 1.62
N ILE E 65 -0.93 22.32 2.19
CA ILE E 65 0.50 22.26 1.84
C ILE E 65 1.08 20.89 2.26
N GLU E 66 0.78 20.45 3.49
CA GLU E 66 1.24 19.13 4.00
C GLU E 66 0.69 17.98 3.15
N ARG E 67 -0.57 18.10 2.73
CA ARG E 67 -1.17 17.10 1.87
C ARG E 67 -0.44 17.02 0.52
N MET E 68 -0.16 18.18 -0.08
CA MET E 68 0.56 18.21 -1.37
C MET E 68 1.93 17.54 -1.27
N LYS E 69 2.67 17.79 -0.20
CA LYS E 69 3.99 17.15 -0.06
C LYS E 69 3.80 15.61 0.06
N ASP E 70 2.78 15.16 0.79
CA ASP E 70 2.47 13.74 0.89
C ASP E 70 2.18 13.19 -0.49
N THR E 71 1.34 13.88 -1.26
CA THR E 71 1.02 13.43 -2.62
C THR E 71 2.24 13.34 -3.55
N LEU E 72 3.14 14.31 -3.46
CA LEU E 72 4.34 14.32 -4.30
C LEU E 72 5.29 13.17 -3.94
N ARG E 73 5.41 12.86 -2.65
CA ARG E 73 6.27 11.74 -2.25
C ARG E 73 5.70 10.44 -2.81
N ILE E 74 4.40 10.23 -2.65
CA ILE E 74 3.76 9.01 -3.15
C ILE E 74 3.95 8.87 -4.65
N THR E 75 3.65 9.95 -5.37
CA THR E 75 3.78 9.94 -6.82
C THR E 75 5.22 9.65 -7.27
N TYR E 76 6.19 10.27 -6.60
CA TYR E 76 7.58 10.00 -6.96
C TYR E 76 7.95 8.52 -6.78
N LEU E 77 7.65 7.96 -5.60
CA LEU E 77 8.01 6.58 -5.30
C LEU E 77 7.36 5.53 -6.16
N THR E 78 6.17 5.83 -6.67
CA THR E 78 5.45 4.85 -7.48
C THR E 78 5.51 5.13 -8.96
N GLU E 79 6.29 6.13 -9.35
CA GLU E 79 6.45 6.51 -10.75
C GLU E 79 5.12 6.78 -11.46
N THR E 80 4.22 7.43 -10.73
CA THR E 80 2.90 7.76 -11.24
C THR E 80 3.02 8.98 -12.16
N LYS E 81 2.35 8.94 -13.30
CA LYS E 81 2.39 10.05 -14.25
C LYS E 81 1.58 11.25 -13.79
N ILE E 82 2.17 12.43 -13.90
CA ILE E 82 1.50 13.67 -13.55
C ILE E 82 1.02 14.23 -14.89
N ASP E 83 -0.20 14.72 -14.94
CA ASP E 83 -0.74 15.26 -16.17
C ASP E 83 -0.41 16.77 -16.29
N LYS E 84 -0.90 17.59 -15.36
CA LYS E 84 -0.67 19.03 -15.38
C LYS E 84 -0.37 19.63 -14.03
N LEU E 85 0.27 20.80 -14.06
CA LEU E 85 0.61 21.52 -12.85
C LEU E 85 0.14 22.95 -13.01
N CYS E 86 -0.39 23.53 -11.93
CA CYS E 86 -0.80 24.92 -11.93
C CYS E 86 0.23 25.53 -11.01
N VAL E 87 1.04 26.45 -11.51
CA VAL E 87 2.07 27.07 -10.70
C VAL E 87 2.05 28.58 -10.67
N TRP E 88 2.54 29.13 -9.56
CA TRP E 88 2.69 30.56 -9.42
C TRP E 88 4.08 30.80 -10.02
N ASN E 89 4.12 31.54 -11.11
CA ASN E 89 5.37 31.81 -11.83
C ASN E 89 6.15 33.04 -11.34
N ASN E 90 5.79 33.56 -10.17
CA ASN E 90 6.48 34.71 -9.62
C ASN E 90 7.40 34.27 -8.50
N LYS E 91 7.86 33.03 -8.57
CA LYS E 91 8.76 32.45 -7.57
C LYS E 91 9.76 31.63 -8.33
N THR E 92 10.91 31.38 -7.72
CA THR E 92 11.96 30.56 -8.35
C THR E 92 12.46 29.53 -7.34
N PRO E 93 12.21 28.21 -7.56
CA PRO E 93 11.49 27.61 -8.70
C PRO E 93 10.01 28.00 -8.65
N ASN E 94 9.27 27.78 -9.74
CA ASN E 94 7.85 28.10 -9.78
C ASN E 94 7.18 27.32 -8.65
N SER E 95 6.25 27.96 -7.96
CA SER E 95 5.54 27.37 -6.83
C SER E 95 4.32 26.55 -7.26
N ILE E 96 4.10 25.39 -6.63
CA ILE E 96 2.95 24.55 -6.99
C ILE E 96 1.67 24.93 -6.28
N ALA E 97 0.60 25.10 -7.07
CA ALA E 97 -0.71 25.46 -6.52
C ALA E 97 -1.71 24.29 -6.64
N ALA E 98 -1.60 23.50 -7.71
CA ALA E 98 -2.51 22.38 -7.93
C ALA E 98 -1.86 21.39 -8.84
N ILE E 99 -2.32 20.15 -8.76
CA ILE E 99 -1.78 19.08 -9.56
C ILE E 99 -2.94 18.21 -10.04
N SER E 100 -2.80 17.62 -11.21
CA SER E 100 -3.83 16.73 -11.73
C SER E 100 -3.15 15.50 -12.31
N MET E 101 -3.83 14.37 -12.26
CA MET E 101 -3.28 13.11 -12.75
C MET E 101 -4.38 12.40 -13.50
N LYS E 102 -4.02 11.61 -14.51
CA LYS E 102 -5.05 10.97 -15.31
C LYS E 102 -4.80 9.54 -15.82
N ASN E 103 -5.89 8.75 -15.79
CA ASN E 103 -6.02 7.36 -16.25
C ASN E 103 -5.55 6.19 -15.40
N ARG F 4 14.84 -18.81 -11.76
CA ARG F 4 14.17 -17.97 -12.80
C ARG F 4 13.48 -18.85 -13.84
N LEU F 5 12.36 -18.41 -14.34
CA LEU F 5 11.62 -19.16 -15.35
C LEU F 5 11.64 -18.26 -16.57
N TYR F 6 11.45 -18.84 -17.76
CA TYR F 6 11.52 -18.06 -18.99
C TYR F 6 10.37 -18.32 -19.91
N ARG F 7 9.90 -17.28 -20.59
CA ARG F 7 8.79 -17.40 -21.53
C ARG F 7 8.92 -16.48 -22.76
N ALA F 8 8.91 -17.06 -23.96
CA ALA F 8 8.98 -16.29 -25.22
C ALA F 8 7.57 -15.78 -25.45
N ASP F 9 7.42 -14.52 -25.79
CA ASP F 9 6.08 -13.99 -25.98
C ASP F 9 6.13 -12.79 -26.90
N SER F 10 5.21 -12.73 -27.86
CA SER F 10 5.18 -11.61 -28.80
C SER F 10 4.63 -10.32 -28.17
N ARG F 11 3.89 -10.44 -27.06
CA ARG F 11 3.36 -9.27 -26.39
C ARG F 11 4.52 -8.53 -25.72
N PRO F 12 4.74 -7.26 -26.12
CA PRO F 12 5.79 -6.36 -25.63
C PRO F 12 5.56 -5.80 -24.23
N PRO F 13 6.65 -5.38 -23.55
CA PRO F 13 6.74 -4.82 -22.20
C PRO F 13 5.69 -3.79 -21.76
N ASP F 14 5.36 -2.84 -22.62
CA ASP F 14 4.39 -1.82 -22.26
C ASP F 14 2.96 -2.33 -22.25
N GLU F 15 2.71 -3.41 -22.99
CA GLU F 15 1.38 -4.03 -23.04
C GLU F 15 1.23 -4.86 -21.78
N ILE F 16 2.28 -5.62 -21.47
CA ILE F 16 2.36 -6.45 -20.29
C ILE F 16 2.14 -5.53 -19.09
N LYS F 17 2.67 -4.32 -19.17
CA LYS F 17 2.53 -3.34 -18.10
C LYS F 17 1.09 -2.82 -18.00
N ARG F 18 0.45 -2.59 -19.15
CA ARG F 18 -0.93 -2.13 -19.19
C ARG F 18 -1.86 -3.18 -18.59
N SER F 19 -1.55 -4.45 -18.83
CA SER F 19 -2.35 -5.58 -18.35
C SER F 19 -2.09 -5.99 -16.88
N GLY F 20 -0.97 -5.55 -16.32
CA GLY F 20 -0.64 -5.91 -14.94
C GLY F 20 0.14 -7.20 -14.88
N GLY F 21 0.54 -7.72 -16.04
CA GLY F 21 1.31 -8.96 -16.09
C GLY F 21 1.05 -9.75 -17.36
N LEU F 22 1.62 -10.95 -17.46
CA LEU F 22 1.42 -11.83 -18.62
C LEU F 22 0.14 -12.61 -18.33
N MET F 23 -0.93 -12.30 -19.05
CA MET F 23 -2.22 -12.94 -18.84
C MET F 23 -2.50 -14.20 -19.65
N PRO F 24 -3.44 -15.03 -19.16
CA PRO F 24 -3.84 -16.27 -19.82
C PRO F 24 -4.82 -15.83 -20.92
N ARG F 25 -5.09 -16.71 -21.87
CA ARG F 25 -5.99 -16.37 -22.99
C ARG F 25 -7.31 -15.76 -22.54
N GLY F 26 -7.57 -14.54 -23.01
CA GLY F 26 -8.82 -13.88 -22.66
C GLY F 26 -8.92 -13.22 -21.30
N HIS F 27 -7.80 -12.83 -20.69
CA HIS F 27 -7.88 -12.14 -19.42
C HIS F 27 -7.18 -10.80 -19.63
N ASN F 28 -7.98 -9.76 -19.75
CA ASN F 28 -7.49 -8.41 -20.01
C ASN F 28 -6.53 -7.86 -18.96
N GLU F 29 -6.99 -7.81 -17.72
CA GLU F 29 -6.20 -7.29 -16.61
C GLU F 29 -6.09 -8.36 -15.54
N TYR F 30 -4.99 -8.33 -14.80
CA TYR F 30 -4.71 -9.31 -13.75
C TYR F 30 -5.74 -9.32 -12.64
N PHE F 31 -6.18 -8.15 -12.19
CA PHE F 31 -7.15 -8.12 -11.10
C PHE F 31 -8.62 -8.09 -11.54
N ASP F 32 -8.87 -8.23 -12.84
CA ASP F 32 -10.24 -8.23 -13.36
C ASP F 32 -11.00 -9.46 -12.84
N ARG F 33 -12.06 -9.20 -12.10
CA ARG F 33 -12.90 -10.24 -11.55
C ARG F 33 -14.16 -10.46 -12.41
N GLY F 34 -14.47 -9.48 -13.25
CA GLY F 34 -15.65 -9.52 -14.12
C GLY F 34 -15.63 -10.62 -15.17
N THR F 35 -14.67 -10.56 -16.09
CA THR F 35 -14.53 -11.58 -17.13
C THR F 35 -13.75 -12.70 -16.46
N GLN F 36 -14.43 -13.45 -15.59
CA GLN F 36 -13.76 -14.54 -14.87
C GLN F 36 -13.48 -15.72 -15.79
N MET F 37 -12.22 -16.14 -15.75
CA MET F 37 -11.70 -17.23 -16.57
C MET F 37 -11.88 -18.62 -16.00
N ASN F 38 -11.85 -19.60 -16.89
CA ASN F 38 -11.96 -21.01 -16.51
C ASN F 38 -10.53 -21.45 -16.19
N ILE F 39 -10.33 -22.11 -15.05
CA ILE F 39 -9.00 -22.56 -14.69
C ILE F 39 -9.00 -24.08 -14.53
N ASN F 40 -8.06 -24.73 -15.20
CA ASN F 40 -7.92 -26.17 -15.15
C ASN F 40 -6.53 -26.53 -15.68
N LEU F 41 -5.72 -27.14 -14.82
CA LEU F 41 -4.35 -27.52 -15.16
C LEU F 41 -4.23 -28.58 -16.27
N TYR F 42 -5.00 -29.66 -16.19
CA TYR F 42 -4.97 -30.73 -17.18
C TYR F 42 -5.37 -30.22 -18.56
N ASP F 43 -6.47 -29.46 -18.64
CA ASP F 43 -6.94 -28.88 -19.89
C ASP F 43 -5.86 -27.95 -20.47
N HIS F 44 -5.33 -27.05 -19.62
CA HIS F 44 -4.30 -26.11 -20.03
C HIS F 44 -3.09 -26.82 -20.60
N ALA F 45 -2.60 -27.82 -19.87
CA ALA F 45 -1.42 -28.57 -20.27
C ALA F 45 -1.52 -29.36 -21.59
N ARG F 46 -2.73 -29.60 -22.08
CA ARG F 46 -2.93 -30.35 -23.32
C ARG F 46 -3.16 -29.46 -24.55
N GLY F 47 -3.86 -28.34 -24.36
CA GLY F 47 -4.16 -27.45 -25.47
C GLY F 47 -3.04 -26.58 -26.00
N THR F 48 -2.60 -26.85 -27.23
CA THR F 48 -1.54 -26.06 -27.85
C THR F 48 -2.11 -24.83 -28.55
N GLN F 49 -1.27 -23.80 -28.70
CA GLN F 49 -1.68 -22.58 -29.35
C GLN F 49 -0.80 -22.27 -30.56
N THR F 50 -1.31 -21.41 -31.41
CA THR F 50 -0.58 -20.98 -32.60
C THR F 50 -0.37 -19.47 -32.38
N GLY F 51 0.88 -19.04 -32.50
CA GLY F 51 1.20 -17.63 -32.29
C GLY F 51 1.44 -17.33 -30.82
N PHE F 52 1.23 -18.33 -29.96
CA PHE F 52 1.44 -18.19 -28.51
C PHE F 52 1.93 -19.46 -27.85
N VAL F 53 2.83 -19.32 -26.89
CA VAL F 53 3.32 -20.46 -26.13
C VAL F 53 2.12 -20.71 -25.18
N ARG F 54 1.82 -21.99 -24.92
CA ARG F 54 0.70 -22.38 -24.08
C ARG F 54 0.25 -21.39 -22.99
N TYR F 55 -0.96 -20.85 -23.15
CA TYR F 55 -1.47 -19.89 -22.18
C TYR F 55 -2.98 -19.96 -21.97
N ASP F 56 -3.60 -21.09 -22.33
CA ASP F 56 -5.05 -21.22 -22.17
C ASP F 56 -5.45 -21.98 -20.90
N ASP F 57 -6.70 -21.82 -20.51
CA ASP F 57 -7.29 -22.45 -19.34
C ASP F 57 -6.76 -21.94 -18.02
N GLY F 58 -6.73 -20.61 -17.91
CA GLY F 58 -6.29 -19.97 -16.69
C GLY F 58 -4.83 -20.05 -16.28
N TYR F 59 -3.97 -20.67 -17.08
CA TYR F 59 -2.55 -20.75 -16.74
C TYR F 59 -1.65 -20.20 -17.85
N VAL F 60 -0.50 -19.67 -17.45
CA VAL F 60 0.48 -19.15 -18.42
C VAL F 60 1.72 -20.01 -18.26
N SER F 61 2.13 -20.68 -19.34
CA SER F 61 3.29 -21.57 -19.30
C SER F 61 4.65 -20.88 -19.40
N THR F 62 5.66 -21.52 -18.81
CA THR F 62 7.03 -21.02 -18.81
C THR F 62 8.01 -22.21 -18.78
N LYS F 63 9.24 -21.96 -19.22
CA LYS F 63 10.27 -22.97 -19.27
C LYS F 63 11.35 -22.77 -18.23
N LEU F 64 12.13 -23.81 -18.02
CA LEU F 64 13.16 -23.78 -16.99
C LEU F 64 14.48 -23.13 -17.38
N SER F 65 14.63 -22.73 -18.64
CA SER F 65 15.85 -22.08 -19.09
C SER F 65 15.61 -21.14 -20.28
N LEU F 66 16.59 -20.27 -20.52
CA LEU F 66 16.54 -19.32 -21.63
C LEU F 66 16.59 -20.08 -22.97
N ARG F 67 17.53 -21.01 -23.08
CA ARG F 67 17.65 -21.78 -24.30
C ARG F 67 16.38 -22.51 -24.72
N SER F 68 15.70 -23.15 -23.75
CA SER F 68 14.46 -23.89 -24.01
C SER F 68 13.35 -22.94 -24.36
N ALA F 69 13.32 -21.82 -23.65
CA ALA F 69 12.33 -20.79 -23.93
C ALA F 69 12.57 -20.36 -25.38
N HIS F 70 13.84 -20.14 -25.74
CA HIS F 70 14.21 -19.72 -27.09
C HIS F 70 13.73 -20.72 -28.16
N LEU F 71 14.06 -22.00 -27.96
CA LEU F 71 13.67 -23.04 -28.92
C LEU F 71 12.18 -23.04 -29.19
N ALA F 72 11.38 -22.89 -28.13
CA ALA F 72 9.93 -22.86 -28.24
C ALA F 72 9.49 -21.62 -29.00
N GLY F 73 10.15 -20.50 -28.73
CA GLY F 73 9.83 -19.27 -29.41
C GLY F 73 10.05 -19.40 -30.90
N GLN F 74 11.18 -20.03 -31.29
CA GLN F 74 11.51 -20.19 -32.71
C GLN F 74 10.49 -21.03 -33.47
N SER F 75 9.99 -22.06 -32.81
CA SER F 75 9.02 -22.93 -33.42
C SER F 75 7.65 -22.23 -33.57
N ILE F 76 7.23 -21.50 -32.55
CA ILE F 76 5.91 -20.84 -32.55
C ILE F 76 5.84 -19.39 -33.07
N LEU F 77 6.89 -18.62 -32.78
CA LEU F 77 6.96 -17.22 -33.18
C LEU F 77 7.92 -16.94 -34.33
N SER F 78 8.24 -17.98 -35.11
CA SER F 78 9.18 -17.90 -36.23
C SER F 78 9.05 -16.70 -37.18
N GLY F 79 7.83 -16.24 -37.43
CA GLY F 79 7.66 -15.12 -38.34
C GLY F 79 7.55 -13.72 -37.75
N TYR F 80 8.14 -13.49 -36.59
CA TYR F 80 8.09 -12.18 -35.93
C TYR F 80 9.45 -11.53 -36.02
N SER F 81 9.49 -10.30 -36.55
CA SER F 81 10.76 -9.60 -36.65
C SER F 81 11.30 -9.38 -35.24
N THR F 82 10.39 -9.27 -34.28
CA THR F 82 10.80 -9.06 -32.90
C THR F 82 9.82 -9.74 -31.92
N TYR F 83 10.34 -10.21 -30.80
CA TYR F 83 9.53 -10.79 -29.73
C TYR F 83 10.38 -10.80 -28.46
N TYR F 84 9.80 -11.11 -27.31
CA TYR F 84 10.57 -11.10 -26.07
C TYR F 84 10.57 -12.39 -25.29
N ILE F 85 11.57 -12.54 -24.43
CA ILE F 85 11.66 -13.70 -23.57
C ILE F 85 11.74 -13.10 -22.18
N TYR F 86 10.65 -13.22 -21.43
CA TYR F 86 10.56 -12.68 -20.08
C TYR F 86 11.22 -13.60 -19.07
N VAL F 87 11.94 -12.99 -18.14
CA VAL F 87 12.65 -13.69 -17.06
C VAL F 87 11.79 -13.50 -15.81
N ILE F 88 11.27 -14.60 -15.27
CA ILE F 88 10.34 -14.57 -14.15
C ILE F 88 10.83 -15.21 -12.85
N ALA F 89 10.55 -14.54 -11.74
CA ALA F 89 10.95 -15.09 -10.44
C ALA F 89 10.01 -16.24 -10.01
N THR F 90 10.54 -17.18 -9.24
CA THR F 90 9.73 -18.29 -8.79
C THR F 90 8.87 -17.85 -7.62
N ALA F 91 7.68 -18.43 -7.52
CA ALA F 91 6.76 -18.09 -6.45
C ALA F 91 5.66 -19.16 -6.44
N PRO F 92 4.94 -19.28 -5.33
CA PRO F 92 3.87 -20.27 -5.19
C PRO F 92 2.63 -20.21 -6.09
N ASN F 93 2.62 -19.37 -7.13
CA ASN F 93 1.50 -19.35 -8.07
C ASN F 93 1.88 -20.27 -9.23
N MET F 94 3.12 -20.74 -9.22
CA MET F 94 3.69 -21.60 -10.23
C MET F 94 3.68 -23.05 -9.79
N PHE F 95 3.30 -23.91 -10.73
CA PHE F 95 3.23 -25.35 -10.53
C PHE F 95 3.99 -26.10 -11.61
N ASN F 96 4.81 -27.06 -11.21
CA ASN F 96 5.51 -27.86 -12.19
C ASN F 96 4.49 -28.84 -12.79
N VAL F 97 4.17 -28.66 -14.06
CA VAL F 97 3.19 -29.51 -14.74
C VAL F 97 3.49 -31.02 -14.65
N ASN F 98 4.75 -31.41 -14.75
CA ASN F 98 5.12 -32.83 -14.68
C ASN F 98 4.83 -33.44 -13.30
N ASP F 99 5.06 -32.65 -12.25
CA ASP F 99 4.84 -33.10 -10.88
C ASP F 99 3.40 -33.28 -10.46
N VAL F 100 2.56 -32.32 -10.79
CA VAL F 100 1.15 -32.38 -10.44
C VAL F 100 0.34 -33.40 -11.24
N LEU F 101 0.59 -33.50 -12.54
CA LEU F 101 -0.15 -34.45 -13.37
C LEU F 101 0.53 -35.80 -13.44
N GLY F 102 1.76 -35.86 -12.94
CA GLY F 102 2.52 -37.10 -12.94
C GLY F 102 2.55 -37.79 -14.30
N VAL F 103 2.34 -39.10 -14.28
CA VAL F 103 2.36 -39.93 -15.48
C VAL F 103 1.28 -39.61 -16.52
N TYR F 104 0.42 -38.63 -16.22
CA TYR F 104 -0.62 -38.23 -17.15
C TYR F 104 -0.25 -36.88 -17.79
N SER F 105 0.98 -36.42 -17.54
CA SER F 105 1.47 -35.17 -18.09
C SER F 105 1.54 -35.41 -19.59
N PRO F 106 0.71 -34.70 -20.36
CA PRO F 106 0.68 -34.86 -21.83
C PRO F 106 2.02 -34.60 -22.56
N HIS F 107 2.67 -33.46 -22.29
CA HIS F 107 3.92 -33.14 -22.96
C HIS F 107 5.00 -33.06 -21.91
N PRO F 108 5.46 -34.23 -21.46
CA PRO F 108 6.49 -34.44 -20.44
C PRO F 108 7.86 -33.87 -20.77
N TYR F 109 8.28 -34.11 -22.01
CA TYR F 109 9.58 -33.66 -22.49
C TYR F 109 9.76 -32.14 -22.43
N GLU F 110 8.69 -31.39 -22.59
CA GLU F 110 8.78 -29.94 -22.55
C GLU F 110 9.14 -29.33 -21.18
N GLN F 111 8.78 -30.04 -20.10
CA GLN F 111 9.08 -29.62 -18.72
C GLN F 111 8.64 -28.20 -18.39
N GLU F 112 7.36 -27.93 -18.56
CA GLU F 112 6.82 -26.61 -18.30
C GLU F 112 6.46 -26.39 -16.83
N VAL F 113 6.46 -25.13 -16.42
CA VAL F 113 6.09 -24.75 -15.06
C VAL F 113 5.06 -23.66 -15.32
N SER F 114 3.79 -23.92 -14.98
CA SER F 114 2.71 -22.97 -15.23
C SER F 114 2.26 -22.14 -14.05
N ALA F 115 1.90 -20.89 -14.33
CA ALA F 115 1.45 -19.94 -13.33
C ALA F 115 -0.07 -19.81 -13.37
N LEU F 116 -0.71 -20.15 -12.26
CA LEU F 116 -2.17 -20.11 -12.14
C LEU F 116 -2.65 -18.67 -12.06
N GLY F 117 -3.47 -18.28 -13.04
CA GLY F 117 -4.01 -16.93 -13.07
C GLY F 117 -3.18 -15.88 -13.79
N GLY F 118 -2.02 -16.28 -14.29
CA GLY F 118 -1.17 -15.32 -14.98
C GLY F 118 0.04 -14.98 -14.12
N ILE F 119 0.85 -14.05 -14.60
CA ILE F 119 2.06 -13.63 -13.89
C ILE F 119 2.01 -12.12 -13.70
N PRO F 120 1.86 -11.65 -12.44
CA PRO F 120 1.79 -10.22 -12.12
C PRO F 120 3.07 -9.55 -12.65
N TYR F 121 2.97 -8.27 -12.99
CA TYR F 121 4.11 -7.51 -13.53
C TYR F 121 5.28 -7.40 -12.55
N SER F 122 4.98 -7.33 -11.26
CA SER F 122 6.01 -7.23 -10.23
C SER F 122 6.87 -8.50 -10.00
N GLN F 123 6.45 -9.61 -10.62
CA GLN F 123 7.16 -10.89 -10.49
C GLN F 123 8.12 -11.10 -11.66
N ILE F 124 8.03 -10.22 -12.66
CA ILE F 124 8.88 -10.29 -13.85
C ILE F 124 10.17 -9.49 -13.62
N TYR F 125 11.28 -10.21 -13.57
CA TYR F 125 12.62 -9.65 -13.34
C TYR F 125 13.11 -8.73 -14.49
N GLY F 126 12.98 -9.22 -15.70
CA GLY F 126 13.41 -8.44 -16.84
C GLY F 126 13.06 -9.19 -18.09
N TRP F 127 13.68 -8.80 -19.21
CA TRP F 127 13.43 -9.42 -20.49
C TRP F 127 14.55 -9.12 -21.46
N TYR F 128 14.61 -9.94 -22.52
CA TYR F 128 15.58 -9.79 -23.60
C TYR F 128 14.72 -9.60 -24.82
N ARG F 129 15.23 -8.89 -25.81
CA ARG F 129 14.50 -8.70 -27.06
C ARG F 129 15.07 -9.72 -28.02
N VAL F 130 14.26 -10.20 -28.94
CA VAL F 130 14.72 -11.16 -29.92
C VAL F 130 14.43 -10.51 -31.26
N ASN F 131 15.48 -10.33 -32.07
CA ASN F 131 15.38 -9.70 -33.39
C ASN F 131 15.68 -10.69 -34.50
N PHE F 132 14.68 -10.94 -35.33
CA PHE F 132 14.82 -11.87 -36.46
C PHE F 132 15.27 -13.21 -35.93
N GLY F 133 14.70 -13.61 -34.78
CA GLY F 133 15.04 -14.89 -34.16
C GLY F 133 16.35 -14.95 -33.37
N VAL F 134 17.12 -13.86 -33.37
CA VAL F 134 18.39 -13.80 -32.66
C VAL F 134 18.19 -13.02 -31.35
N ILE F 135 18.64 -13.62 -30.25
CA ILE F 135 18.51 -13.00 -28.93
C ILE F 135 19.54 -11.88 -28.70
N ASP F 136 19.07 -10.70 -28.31
CA ASP F 136 19.96 -9.61 -27.99
C ASP F 136 20.31 -9.89 -26.52
N GLU F 137 21.53 -10.37 -26.32
CA GLU F 137 22.06 -10.75 -25.01
C GLU F 137 22.06 -9.70 -23.89
N ARG F 138 21.43 -8.56 -24.11
CA ARG F 138 21.37 -7.54 -23.08
C ARG F 138 20.04 -7.65 -22.34
N LEU F 139 20.11 -7.99 -21.05
CA LEU F 139 18.91 -8.13 -20.23
C LEU F 139 18.39 -6.79 -19.76
N HIS F 140 17.18 -6.46 -20.14
CA HIS F 140 16.59 -5.19 -19.71
C HIS F 140 15.93 -5.55 -18.39
N ARG F 141 16.18 -4.76 -17.35
CA ARG F 141 15.60 -5.05 -16.05
C ARG F 141 14.35 -4.26 -15.74
N ASN F 142 13.36 -4.96 -15.18
CA ASN F 142 12.10 -4.34 -14.81
C ASN F 142 12.31 -3.51 -13.54
N ARG F 143 11.90 -2.24 -13.58
CA ARG F 143 12.07 -1.35 -12.42
C ARG F 143 11.08 -1.67 -11.30
N GLU F 144 9.97 -2.31 -11.63
CA GLU F 144 8.94 -2.62 -10.64
C GLU F 144 8.97 -4.04 -10.07
N TYR F 145 10.07 -4.73 -10.29
CA TYR F 145 10.24 -6.08 -9.76
C TYR F 145 10.41 -5.88 -8.25
N ARG F 146 9.75 -6.70 -7.43
CA ARG F 146 9.87 -6.59 -5.95
C ARG F 146 10.95 -7.57 -5.50
N ASP F 147 12.17 -7.08 -5.38
CA ASP F 147 13.28 -7.93 -4.99
C ASP F 147 13.15 -8.53 -3.59
N ARG F 148 12.84 -7.72 -2.60
CA ARG F 148 12.75 -8.24 -1.26
C ARG F 148 11.72 -9.37 -1.14
N TYR F 149 10.55 -9.15 -1.72
CA TYR F 149 9.47 -10.12 -1.66
C TYR F 149 9.75 -11.43 -2.39
N TYR F 150 10.10 -11.35 -3.66
CA TYR F 150 10.36 -12.54 -4.46
C TYR F 150 11.70 -13.21 -4.22
N ARG F 151 12.59 -12.51 -3.53
CA ARG F 151 13.94 -12.97 -3.23
C ARG F 151 14.01 -14.38 -2.67
N ASN F 152 13.09 -14.65 -1.76
CA ASN F 152 13.04 -15.92 -1.05
C ASN F 152 11.88 -16.90 -1.39
N LEU F 153 11.16 -16.69 -2.48
CA LEU F 153 10.02 -17.55 -2.79
C LEU F 153 10.31 -18.64 -3.80
N ASN F 154 9.44 -19.61 -3.85
CA ASN F 154 9.65 -20.72 -4.75
C ASN F 154 8.37 -21.23 -5.33
N ILE F 155 8.52 -22.12 -6.31
CA ILE F 155 7.42 -22.80 -6.98
C ILE F 155 6.56 -23.44 -5.86
N ALA F 156 5.28 -23.66 -6.12
CA ALA F 156 4.43 -24.29 -5.12
C ALA F 156 4.75 -25.80 -5.16
N PRO F 157 4.92 -26.45 -3.99
CA PRO F 157 5.23 -27.89 -4.02
C PRO F 157 4.03 -28.67 -4.59
N ALA F 158 4.32 -29.75 -5.30
CA ALA F 158 3.30 -30.59 -5.93
C ALA F 158 2.09 -30.99 -5.05
N GLU F 159 2.35 -31.22 -3.75
CA GLU F 159 1.30 -31.59 -2.80
C GLU F 159 0.14 -30.59 -2.75
N ASP F 160 0.43 -29.31 -2.99
CA ASP F 160 -0.60 -28.28 -2.99
C ASP F 160 -1.32 -28.16 -4.33
N GLY F 161 -0.83 -28.89 -5.32
CA GLY F 161 -1.43 -28.83 -6.64
C GLY F 161 -2.30 -30.01 -7.01
N TYR F 162 -2.12 -31.13 -6.33
CA TYR F 162 -2.89 -32.33 -6.64
C TYR F 162 -4.37 -32.07 -6.70
N ARG F 163 -4.91 -31.35 -5.73
CA ARG F 163 -6.36 -31.05 -5.72
C ARG F 163 -6.76 -30.09 -6.85
N LEU F 164 -5.76 -29.49 -7.50
CA LEU F 164 -6.00 -28.55 -8.60
C LEU F 164 -5.69 -29.17 -9.97
N ALA F 165 -5.26 -30.44 -9.98
CA ALA F 165 -4.92 -31.15 -11.21
C ALA F 165 -5.93 -30.99 -12.35
N GLY F 166 -7.22 -30.95 -12.02
CA GLY F 166 -8.24 -30.77 -13.04
C GLY F 166 -8.62 -31.99 -13.85
N PHE F 167 -8.22 -33.19 -13.43
CA PHE F 167 -8.59 -34.38 -14.18
C PHE F 167 -10.12 -34.50 -14.16
N PRO F 168 -10.72 -35.09 -15.21
CA PRO F 168 -12.18 -35.25 -15.25
C PRO F 168 -12.61 -36.28 -14.18
N PRO F 169 -13.88 -36.22 -13.72
CA PRO F 169 -14.45 -37.12 -12.69
C PRO F 169 -14.16 -38.63 -12.75
N ASP F 170 -14.22 -39.22 -13.95
CA ASP F 170 -13.99 -40.65 -14.10
C ASP F 170 -12.56 -40.98 -14.54
N HIS F 171 -11.68 -40.00 -14.42
CA HIS F 171 -10.30 -40.21 -14.81
C HIS F 171 -9.62 -41.05 -13.74
N GLN F 172 -9.19 -42.24 -14.13
CA GLN F 172 -8.50 -43.16 -13.25
C GLN F 172 -7.61 -42.54 -12.17
N ALA F 173 -6.94 -41.44 -12.50
CA ALA F 173 -6.06 -40.74 -11.56
C ALA F 173 -6.70 -40.42 -10.20
N TRP F 174 -8.00 -40.16 -10.20
CA TRP F 174 -8.73 -39.85 -8.98
C TRP F 174 -8.92 -41.05 -8.05
N ARG F 175 -8.58 -42.23 -8.55
CA ARG F 175 -8.69 -43.46 -7.80
C ARG F 175 -7.32 -43.96 -7.41
N GLU F 176 -6.30 -43.11 -7.50
CA GLU F 176 -4.96 -43.57 -7.17
C GLU F 176 -4.03 -42.57 -6.48
N GLU F 177 -3.00 -43.12 -5.85
CA GLU F 177 -2.00 -42.32 -5.15
C GLU F 177 -1.33 -41.41 -6.19
N PRO F 178 -1.16 -40.12 -5.85
CA PRO F 178 -1.57 -39.51 -4.58
C PRO F 178 -2.75 -38.58 -4.75
N TRP F 179 -3.39 -38.64 -5.92
CA TRP F 179 -4.52 -37.78 -6.23
C TRP F 179 -5.74 -38.16 -5.44
N ILE F 180 -5.86 -39.45 -5.13
CA ILE F 180 -7.00 -39.95 -4.37
C ILE F 180 -7.23 -39.21 -3.06
N HIS F 181 -6.14 -38.88 -2.36
CA HIS F 181 -6.22 -38.18 -1.08
C HIS F 181 -6.48 -36.68 -1.21
N HIS F 182 -6.64 -36.19 -2.45
CA HIS F 182 -6.86 -34.76 -2.70
C HIS F 182 -8.03 -34.44 -3.65
N ALA F 183 -8.75 -35.47 -4.12
CA ALA F 183 -9.85 -35.28 -5.07
C ALA F 183 -10.99 -34.34 -4.64
N PRO F 184 -11.33 -33.34 -5.49
CA PRO F 184 -12.41 -32.39 -5.17
C PRO F 184 -13.72 -33.15 -4.92
N GLN F 185 -14.66 -32.53 -4.24
CA GLN F 185 -15.95 -33.16 -3.95
C GLN F 185 -16.67 -33.51 -5.26
N GLY F 186 -16.79 -34.81 -5.50
CA GLY F 186 -17.47 -35.28 -6.71
C GLY F 186 -16.55 -35.73 -7.81
N CYS F 187 -15.30 -36.03 -7.46
CA CYS F 187 -14.29 -36.48 -8.43
C CYS F 187 -13.76 -37.84 -8.02
N GLY F 188 -13.81 -38.80 -8.94
CA GLY F 188 -13.31 -40.13 -8.65
C GLY F 188 -14.12 -40.91 -7.62
N GLY F 203 -21.00 -36.44 -13.07
CA GLY F 203 -21.62 -35.21 -12.48
C GLY F 203 -20.69 -34.01 -12.58
N ASP F 204 -21.17 -32.95 -13.23
CA ASP F 204 -20.43 -31.69 -13.43
C ASP F 204 -19.71 -31.18 -12.18
N THR F 205 -20.36 -31.36 -11.03
CA THR F 205 -19.85 -30.94 -9.74
C THR F 205 -18.32 -31.06 -9.57
N CYS F 206 -17.75 -32.19 -10.01
CA CYS F 206 -16.30 -32.40 -9.93
C CYS F 206 -15.62 -31.24 -10.62
N ASN F 207 -16.02 -31.03 -11.86
CA ASN F 207 -15.51 -29.94 -12.66
C ASN F 207 -15.74 -28.61 -11.94
N GLU F 208 -17.00 -28.34 -11.58
CA GLU F 208 -17.36 -27.08 -10.90
C GLU F 208 -16.58 -26.88 -9.60
N GLU F 209 -16.12 -27.96 -9.00
CA GLU F 209 -15.35 -27.88 -7.77
C GLU F 209 -13.90 -27.51 -8.08
N THR F 210 -13.35 -28.01 -9.19
CA THR F 210 -11.98 -27.69 -9.59
C THR F 210 -11.89 -26.18 -9.86
N GLN F 211 -12.88 -25.65 -10.56
CA GLN F 211 -12.95 -24.23 -10.87
C GLN F 211 -13.02 -23.39 -9.59
N ASN F 212 -13.82 -23.85 -8.63
CA ASN F 212 -14.02 -23.18 -7.35
C ASN F 212 -12.73 -23.13 -6.51
N LEU F 213 -12.04 -24.26 -6.38
CA LEU F 213 -10.80 -24.35 -5.62
C LEU F 213 -9.65 -23.55 -6.27
N SER F 214 -9.56 -23.63 -7.60
CA SER F 214 -8.56 -22.90 -8.38
C SER F 214 -8.76 -21.40 -8.22
N THR F 215 -10.01 -20.95 -8.24
CA THR F 215 -10.31 -19.54 -8.06
C THR F 215 -9.98 -19.07 -6.64
N ILE F 216 -10.10 -19.95 -5.66
CA ILE F 216 -9.79 -19.61 -4.27
C ILE F 216 -8.29 -19.40 -4.09
N TYR F 217 -7.49 -20.34 -4.59
CA TYR F 217 -6.05 -20.28 -4.52
C TYR F 217 -5.54 -18.99 -5.19
N LEU F 218 -6.09 -18.69 -6.37
CA LEU F 218 -5.73 -17.50 -7.11
C LEU F 218 -6.04 -16.25 -6.31
N ARG F 219 -7.26 -16.15 -5.80
CA ARG F 219 -7.71 -15.00 -5.01
C ARG F 219 -6.82 -14.74 -3.80
N GLU F 220 -6.32 -15.80 -3.17
CA GLU F 220 -5.46 -15.63 -2.01
C GLU F 220 -4.08 -15.13 -2.45
N TYR F 221 -3.59 -15.63 -3.58
CA TYR F 221 -2.29 -15.16 -4.08
C TYR F 221 -2.38 -13.69 -4.49
N GLN F 222 -3.49 -13.32 -5.15
CA GLN F 222 -3.71 -11.95 -5.59
C GLN F 222 -3.74 -10.99 -4.43
N SER F 223 -4.18 -11.46 -3.27
CA SER F 223 -4.21 -10.63 -2.09
C SER F 223 -2.78 -10.35 -1.64
N LYS F 224 -1.91 -11.36 -1.74
CA LYS F 224 -0.51 -11.21 -1.35
C LYS F 224 0.15 -10.13 -2.21
N VAL F 225 -0.16 -10.14 -3.51
CA VAL F 225 0.37 -9.14 -4.47
C VAL F 225 -0.15 -7.72 -4.14
N LYS F 226 -1.45 -7.60 -3.82
CA LYS F 226 -2.01 -6.29 -3.48
C LYS F 226 -1.38 -5.79 -2.18
N ARG F 227 -1.11 -6.69 -1.25
CA ARG F 227 -0.48 -6.29 -0.01
C ARG F 227 0.89 -5.62 -0.28
N GLN F 228 1.57 -6.08 -1.32
CA GLN F 228 2.85 -5.51 -1.73
C GLN F 228 2.68 -4.20 -2.50
N ILE F 229 2.02 -4.26 -3.64
CA ILE F 229 1.89 -3.08 -4.49
C ILE F 229 1.00 -1.93 -4.02
N PHE F 230 -0.08 -2.22 -3.30
CA PHE F 230 -0.98 -1.17 -2.82
C PHE F 230 -0.45 -0.49 -1.59
N SER F 231 0.37 -1.20 -0.81
CA SER F 231 0.94 -0.64 0.40
C SER F 231 1.84 0.55 0.08
N ASP F 232 2.43 0.58 -1.12
CA ASP F 232 3.28 1.72 -1.54
C ASP F 232 2.51 3.06 -1.50
N TYR F 233 1.18 2.99 -1.58
CA TYR F 233 0.36 4.18 -1.60
C TYR F 233 -0.20 4.57 -0.27
N GLN F 234 0.01 3.75 0.76
CA GLN F 234 -0.51 4.05 2.10
C GLN F 234 0.26 5.24 2.67
N SER F 235 -0.45 6.29 3.05
CA SER F 235 0.17 7.49 3.59
C SER F 235 -0.26 7.64 5.04
N GLU F 236 0.70 7.73 5.95
CA GLU F 236 0.36 7.82 7.37
C GLU F 236 -0.12 9.18 7.81
N VAL F 237 -1.07 9.18 8.73
CA VAL F 237 -1.72 10.39 9.23
C VAL F 237 -1.22 10.85 10.60
N ASP F 238 -1.20 12.16 10.85
CA ASP F 238 -0.82 12.68 12.16
C ASP F 238 -2.16 12.75 12.90
N ILE F 239 -2.48 11.66 13.63
CA ILE F 239 -3.74 11.54 14.37
C ILE F 239 -3.97 12.59 15.41
N TYR F 240 -2.95 12.89 16.20
CA TYR F 240 -3.05 13.91 17.22
C TYR F 240 -3.38 15.28 16.62
N ASN F 241 -2.85 15.55 15.43
CA ASN F 241 -3.06 16.82 14.73
C ASN F 241 -4.44 16.89 14.06
N ARG F 242 -4.92 15.74 13.64
CA ARG F 242 -6.23 15.66 13.01
C ARG F 242 -7.34 15.55 14.06
N ILE F 243 -6.96 15.11 15.27
CA ILE F 243 -7.87 14.88 16.41
C ILE F 243 -7.89 15.99 17.49
#